data_4LCC
#
_entry.id   4LCC
#
_cell.length_a   85.902
_cell.length_b   88.585
_cell.length_c   155.505
_cell.angle_alpha   90.000
_cell.angle_beta   90.000
_cell.angle_gamma   90.000
#
_symmetry.space_group_name_H-M   'P 21 21 21'
#
loop_
_entity.id
_entity.type
_entity.pdbx_description
1 polymer 'Beta-2-microglobulin, MHC class I-related protein'
2 polymer 'Human MAIT TCR alpha chain'
3 polymer 'Human MAIT TCR beta chain'
4 non-polymer 1-deoxy-1-[6-(hydroxymethyl)-2,4-dioxo-3,4-dihydropteridin-8(2H)-yl]-D-arabinitol
5 non-polymer 'SULFATE ION'
6 water water
#
loop_
_entity_poly.entity_id
_entity_poly.type
_entity_poly.pdbx_seq_one_letter_code
_entity_poly.pdbx_strand_id
1 'polypeptide(L)'
;IQRPPKIQVYSRHPPEDGKPNYLNCYVYGFHPPQIEIDLLKNGEKIKSEQSDLSFSKDWSFYLLSHAEFTPNSKDQYSCR
VKHVTLEQPRIVKWDRDLGGGGSGGSGSGGGGSRTHSLRYFRLGISEPGYGIPEFISAGYVDSHPITMYNSVSQLKEPRA
LWMEENLAPDHWERYTQLLRGWQQMFKVELKQLQHHYNHSGFHTYQRMIGCELLEDGSITGFLQYAYDGQDFLIFNKDTL
SWMAMDNVADIIRRVWEANQHELLYQKNWLEEECIAWLKRFLEYGKDALQRTEPPKVRVNHKETFPGITTLYCRAYGFYP
PEISINWMKNGEEIFQDTDYGGILPSGDGTYQTWVSVELDPQNGDIYSCHVEHGGVHMVLQGFQESETILGG
;
C
2 'polypeptide(L)'
;MAGQNIDQPTEMTATEGAIVQINCTYQTSGFNGLFWYQQHAGEAPTFLSYNVLDGLEEKGRFSSFLSRSKGYSYLLLKEL
QMKDSASYLCAVKDSNYQLIWGAGTKLIIKPNIQNPDPAVYQLRDSKSSDKSVCLFTDFDSQTNVSQSKDSDVYITDKCV
LDMRSMDFKSNSAVAWSNKSDFACANAFNNSIIPEDTFFPSPESSALE
;
A
3 'polypeptide(L)'
;MANAGVTQTPKFQVLKTGQSMTLQCAQDMNHNSMYWYRQDPGMGLRLIYYSASEGTTDKGEVPNGYNVSRLNKREFSLRL
ESAAPSQTSVYFCASSVWTGEGSGELFFGEGSRLTVLEDLKNVFPPEVAVFEPSEAEISHTQKATLVCLATGFYPDHVEL
SWWVNGKEVHSGVCTDPQPLKEQPALNDSRYALSSRLRVSATFWQNPRNHFRCQVQFYGLSENDEWTQDRAKPVTQIVSA
EAWGRADSAAALE
;
B
#
loop_
_chem_comp.id
_chem_comp.type
_chem_comp.name
_chem_comp.formula
1XL non-polymer 1-deoxy-1-[6-(hydroxymethyl)-2,4-dioxo-3,4-dihydropteridin-8(2H)-yl]-D-arabinitol 'C12 H16 N4 O7'
SO4 non-polymer 'SULFATE ION' 'O4 S -2'
#
# COMPACT_ATOMS: atom_id res chain seq x y z
N ILE A 1 18.94 -10.76 -25.78
CA ILE A 1 19.74 -11.82 -26.37
C ILE A 1 18.99 -13.14 -26.37
N GLN A 2 19.42 -14.08 -27.21
CA GLN A 2 18.82 -15.40 -27.28
C GLN A 2 19.78 -16.47 -26.81
N ARG A 3 19.30 -17.33 -25.92
CA ARG A 3 20.13 -18.40 -25.37
C ARG A 3 19.62 -19.77 -25.82
N PRO A 4 20.47 -20.52 -26.54
CA PRO A 4 20.13 -21.87 -26.98
C PRO A 4 19.98 -22.82 -25.79
N PRO A 5 18.95 -23.68 -25.81
CA PRO A 5 18.62 -24.55 -24.68
C PRO A 5 19.64 -25.66 -24.45
N LYS A 6 19.81 -26.04 -23.19
CA LYS A 6 20.64 -27.18 -22.83
C LYS A 6 19.74 -28.28 -22.26
N ILE A 7 19.69 -29.42 -22.94
CA ILE A 7 18.81 -30.52 -22.50
C ILE A 7 19.60 -31.77 -22.13
N GLN A 8 19.16 -32.44 -21.07
CA GLN A 8 19.72 -33.73 -20.68
C GLN A 8 18.60 -34.69 -20.28
N VAL A 9 18.64 -35.89 -20.83
CA VAL A 9 17.66 -36.91 -20.50
C VAL A 9 18.27 -37.88 -19.51
N TYR A 10 17.49 -38.32 -18.52
CA TYR A 10 17.97 -39.27 -17.52
C TYR A 10 16.81 -39.87 -16.75
N SER A 11 17.14 -40.68 -15.75
CA SER A 11 16.14 -41.41 -14.98
C SER A 11 16.18 -41.02 -13.51
N ARG A 12 15.06 -41.21 -12.83
CA ARG A 12 14.93 -40.82 -11.43
C ARG A 12 15.79 -41.69 -10.49
N HIS A 13 16.00 -42.94 -10.88
CA HIS A 13 16.89 -43.86 -10.17
C HIS A 13 17.65 -44.60 -11.28
N PRO A 14 18.57 -45.53 -10.94
CA PRO A 14 19.15 -46.24 -12.08
C PRO A 14 18.21 -47.27 -12.70
N PRO A 20 10.68 -50.27 -12.44
CA PRO A 20 9.92 -49.14 -12.98
C PRO A 20 10.54 -47.81 -12.57
N ASN A 21 10.68 -46.90 -13.53
CA ASN A 21 11.36 -45.62 -13.28
C ASN A 21 10.56 -44.41 -13.74
N TYR A 22 11.16 -43.23 -13.61
CA TYR A 22 10.59 -42.00 -14.16
C TYR A 22 11.56 -41.42 -15.18
N LEU A 23 11.04 -41.04 -16.33
CA LEU A 23 11.88 -40.56 -17.41
C LEU A 23 11.92 -39.04 -17.39
N ASN A 24 13.09 -38.50 -17.08
CA ASN A 24 13.25 -37.06 -16.94
C ASN A 24 13.86 -36.38 -18.14
N CYS A 25 13.19 -35.32 -18.59
CA CYS A 25 13.70 -34.44 -19.62
C CYS A 25 13.90 -33.05 -19.02
N TYR A 26 15.16 -32.66 -18.84
CA TYR A 26 15.47 -31.40 -18.17
C TYR A 26 16.12 -30.41 -19.12
N VAL A 27 15.37 -29.37 -19.48
CA VAL A 27 15.84 -28.36 -20.41
C VAL A 27 16.08 -27.06 -19.66
N TYR A 28 17.28 -26.50 -19.79
CA TYR A 28 17.68 -25.37 -18.97
C TYR A 28 18.49 -24.35 -19.74
N GLY A 29 18.62 -23.15 -19.16
CA GLY A 29 19.46 -22.11 -19.71
C GLY A 29 19.05 -21.61 -21.08
N PHE A 30 17.74 -21.44 -21.30
CA PHE A 30 17.24 -21.02 -22.61
C PHE A 30 16.44 -19.72 -22.51
N HIS A 31 16.25 -19.08 -23.65
CA HIS A 31 15.54 -17.82 -23.74
C HIS A 31 15.42 -17.38 -25.19
N PRO A 32 14.23 -16.88 -25.60
CA PRO A 32 12.98 -16.69 -24.85
C PRO A 32 12.39 -17.98 -24.30
N PRO A 33 11.51 -17.87 -23.30
CA PRO A 33 10.89 -18.99 -22.58
C PRO A 33 9.99 -19.87 -23.45
N GLN A 34 9.65 -19.39 -24.64
CA GLN A 34 8.78 -20.18 -25.51
C GLN A 34 9.52 -21.41 -25.96
N ILE A 35 8.96 -22.58 -25.66
CA ILE A 35 9.57 -23.84 -26.02
C ILE A 35 8.54 -24.97 -25.98
N GLU A 36 8.82 -26.07 -26.67
CA GLU A 36 7.95 -27.23 -26.64
C GLU A 36 8.74 -28.49 -26.31
N ILE A 37 8.38 -29.13 -25.20
CA ILE A 37 9.09 -30.31 -24.74
C ILE A 37 8.20 -31.55 -24.83
N ASP A 38 8.65 -32.53 -25.61
CA ASP A 38 7.87 -33.75 -25.82
C ASP A 38 8.71 -35.01 -25.58
N LEU A 39 8.13 -35.96 -24.86
CA LEU A 39 8.76 -37.26 -24.69
C LEU A 39 8.24 -38.23 -25.74
N LEU A 40 9.13 -39.07 -26.24
CA LEU A 40 8.78 -40.03 -27.30
C LEU A 40 8.99 -41.46 -26.83
N LYS A 45 5.46 -40.98 -29.42
CA LYS A 45 5.29 -39.95 -28.40
C LYS A 45 4.35 -40.41 -27.29
N ILE A 46 4.78 -40.21 -26.04
CA ILE A 46 3.97 -40.58 -24.88
C ILE A 46 3.65 -39.36 -24.03
N LYS A 47 2.58 -39.47 -23.23
CA LYS A 47 2.16 -38.37 -22.37
C LYS A 47 3.22 -38.04 -21.32
N SER A 48 3.61 -36.78 -21.27
CA SER A 48 4.65 -36.34 -20.34
C SER A 48 4.21 -35.13 -19.53
N GLU A 49 4.07 -35.32 -18.23
CA GLU A 49 3.67 -34.22 -17.35
C GLU A 49 4.84 -33.27 -17.16
N GLN A 50 4.63 -32.01 -17.52
CA GLN A 50 5.67 -30.99 -17.44
C GLN A 50 5.45 -30.10 -16.23
N SER A 51 6.54 -29.67 -15.61
CA SER A 51 6.46 -28.82 -14.43
C SER A 51 6.20 -27.37 -14.83
N ASP A 52 6.15 -26.49 -13.83
CA ASP A 52 5.95 -25.07 -14.06
C ASP A 52 7.24 -24.45 -14.59
N LEU A 53 7.10 -23.33 -15.30
CA LEU A 53 8.25 -22.60 -15.82
C LEU A 53 9.06 -22.02 -14.67
N SER A 54 10.35 -22.30 -14.65
CA SER A 54 11.19 -21.85 -13.56
C SER A 54 12.24 -20.86 -14.03
N PHE A 55 12.67 -20.00 -13.11
CA PHE A 55 13.58 -18.93 -13.45
C PHE A 55 14.91 -19.15 -12.76
N SER A 56 15.95 -18.58 -13.35
CA SER A 56 17.28 -18.67 -12.80
C SER A 56 17.84 -17.27 -12.65
N LYS A 57 18.96 -17.17 -11.93
CA LYS A 57 19.56 -15.89 -11.58
C LYS A 57 20.16 -15.17 -12.79
N ASP A 58 20.42 -15.93 -13.86
CA ASP A 58 21.03 -15.37 -15.06
C ASP A 58 20.00 -14.92 -16.09
N TRP A 59 18.72 -14.97 -15.67
CA TRP A 59 17.56 -14.57 -16.48
C TRP A 59 17.08 -15.65 -17.44
N SER A 60 17.79 -16.77 -17.50
CA SER A 60 17.38 -17.89 -18.34
C SER A 60 16.23 -18.66 -17.70
N PHE A 61 15.85 -19.77 -18.33
CA PHE A 61 14.74 -20.58 -17.84
C PHE A 61 15.11 -22.05 -17.77
N TYR A 62 14.31 -22.84 -17.05
CA TYR A 62 14.52 -24.28 -17.01
C TYR A 62 13.22 -25.06 -16.76
N LEU A 63 13.13 -26.26 -17.34
CA LEU A 63 11.91 -27.06 -17.27
C LEU A 63 12.18 -28.55 -17.16
N LEU A 64 11.37 -29.24 -16.36
CA LEU A 64 11.51 -30.68 -16.17
C LEU A 64 10.22 -31.39 -16.53
N SER A 65 10.27 -32.19 -17.58
CA SER A 65 9.11 -32.98 -18.01
C SER A 65 9.39 -34.44 -17.72
N HIS A 66 8.46 -35.11 -17.06
CA HIS A 66 8.64 -36.50 -16.67
C HIS A 66 7.49 -37.39 -17.11
N ALA A 67 7.73 -38.70 -17.12
CA ALA A 67 6.69 -39.67 -17.49
C ALA A 67 6.92 -41.02 -16.83
N THR A 70 8.68 -45.91 -17.49
CA THR A 70 9.91 -46.11 -18.24
C THR A 70 10.82 -47.19 -17.61
N PRO A 71 10.37 -48.46 -17.67
CA PRO A 71 11.18 -49.56 -17.15
C PRO A 71 12.49 -49.67 -17.93
N ASN A 72 12.48 -49.17 -19.16
CA ASN A 72 13.65 -49.20 -20.03
C ASN A 72 14.17 -50.61 -20.27
N SER A 73 13.37 -51.43 -20.94
CA SER A 73 13.76 -52.79 -21.24
C SER A 73 13.44 -53.12 -22.70
N LYS A 74 14.48 -53.41 -23.47
CA LYS A 74 14.34 -53.76 -24.88
C LYS A 74 13.58 -52.71 -25.68
N ASP A 75 13.69 -51.45 -25.25
CA ASP A 75 12.99 -50.35 -25.90
C ASP A 75 13.85 -49.10 -26.00
N GLN A 76 13.41 -48.14 -26.80
CA GLN A 76 14.18 -46.91 -27.02
C GLN A 76 13.37 -45.66 -26.68
N TYR A 77 13.97 -44.78 -25.88
CA TYR A 77 13.32 -43.53 -25.48
C TYR A 77 14.14 -42.32 -25.89
N SER A 78 13.48 -41.17 -26.01
CA SER A 78 14.13 -39.93 -26.41
C SER A 78 13.28 -38.72 -26.06
N CYS A 79 13.82 -37.53 -26.30
CA CYS A 79 13.08 -36.30 -25.98
C CYS A 79 13.23 -35.23 -27.06
N ARG A 80 12.11 -34.73 -27.56
CA ARG A 80 12.12 -33.75 -28.64
C ARG A 80 11.92 -32.32 -28.11
N VAL A 81 12.76 -31.40 -28.57
CA VAL A 81 12.71 -30.01 -28.10
C VAL A 81 12.71 -29.00 -29.24
N LYS A 82 11.73 -28.09 -29.21
CA LYS A 82 11.60 -27.07 -30.25
C LYS A 82 11.82 -25.67 -29.69
N HIS A 83 12.77 -24.94 -30.27
CA HIS A 83 13.13 -23.61 -29.77
C HIS A 83 13.60 -22.66 -30.86
N VAL A 84 13.49 -21.35 -30.59
CA VAL A 84 13.76 -20.32 -31.58
C VAL A 84 15.23 -20.23 -32.02
N THR A 85 16.12 -20.80 -31.23
CA THR A 85 17.54 -20.80 -31.55
C THR A 85 17.94 -22.08 -32.28
N LEU A 86 16.94 -22.91 -32.57
CA LEU A 86 17.15 -24.19 -33.25
C LEU A 86 16.42 -24.27 -34.58
N GLU A 87 17.17 -24.43 -35.66
CA GLU A 87 16.56 -24.70 -36.96
C GLU A 87 15.93 -26.09 -36.90
N GLN A 88 16.59 -26.98 -36.19
CA GLN A 88 16.19 -28.38 -36.06
C GLN A 88 15.64 -28.68 -34.66
N PRO A 89 14.43 -29.26 -34.60
CA PRO A 89 13.79 -29.62 -33.33
C PRO A 89 14.54 -30.77 -32.65
N ARG A 90 15.64 -30.42 -31.99
CA ARG A 90 16.57 -31.39 -31.43
C ARG A 90 15.95 -32.44 -30.53
N ILE A 91 16.39 -33.67 -30.73
CA ILE A 91 15.92 -34.77 -29.94
C ILE A 91 17.10 -35.48 -29.30
N VAL A 92 17.10 -35.49 -27.97
CA VAL A 92 18.14 -36.18 -27.25
C VAL A 92 17.68 -37.61 -27.06
N LYS A 93 18.56 -38.56 -27.35
CA LYS A 93 18.29 -39.95 -27.12
C LYS A 93 18.92 -40.29 -25.80
N TRP A 94 18.24 -41.09 -24.99
CA TRP A 94 18.64 -41.31 -23.61
C TRP A 94 20.09 -41.75 -23.44
N ASP A 95 20.47 -42.83 -24.15
CA ASP A 95 21.78 -43.45 -24.00
C ASP A 95 21.80 -44.32 -22.73
N ARG A 114 25.79 -22.66 0.35
CA ARG A 114 25.39 -22.89 1.74
C ARG A 114 24.75 -21.68 2.39
N THR A 115 24.63 -20.61 1.63
CA THR A 115 23.89 -19.44 2.06
C THR A 115 22.43 -19.68 1.74
N HIS A 116 21.58 -19.71 2.76
CA HIS A 116 20.15 -19.72 2.51
C HIS A 116 19.80 -18.41 1.81
N SER A 117 18.77 -18.42 0.97
CA SER A 117 18.36 -17.23 0.24
C SER A 117 16.91 -17.25 -0.16
N LEU A 118 16.37 -16.06 -0.43
CA LEU A 118 15.00 -15.89 -0.88
C LEU A 118 14.98 -15.10 -2.19
N ARG A 119 14.24 -15.59 -3.19
CA ARG A 119 14.18 -14.93 -4.49
C ARG A 119 12.75 -14.85 -5.03
N TYR A 120 12.43 -13.73 -5.66
CA TYR A 120 11.13 -13.53 -6.27
C TYR A 120 11.27 -13.06 -7.72
N PHE A 121 10.58 -13.75 -8.63
CA PHE A 121 10.71 -13.48 -10.05
C PHE A 121 9.42 -12.98 -10.70
N ARG A 122 9.57 -12.01 -11.59
CA ARG A 122 8.45 -11.53 -12.39
C ARG A 122 8.74 -11.75 -13.86
N LEU A 123 7.80 -12.36 -14.57
CA LEU A 123 7.96 -12.56 -16.00
C LEU A 123 6.81 -11.90 -16.76
N GLY A 124 7.11 -10.82 -17.48
CA GLY A 124 6.13 -10.19 -18.35
C GLY A 124 6.26 -10.65 -19.80
N ILE A 125 5.16 -10.64 -20.54
CA ILE A 125 5.15 -11.12 -21.92
C ILE A 125 4.18 -10.27 -22.76
N SER A 126 4.53 -10.06 -24.02
CA SER A 126 3.65 -9.33 -24.95
C SER A 126 2.73 -10.24 -25.80
N GLU A 127 2.67 -11.54 -25.48
CA GLU A 127 1.77 -12.50 -26.17
C GLU A 127 0.34 -12.21 -25.84
N ILE A 132 3.87 -19.23 -21.28
CA ILE A 132 2.66 -18.94 -22.06
C ILE A 132 1.90 -17.68 -21.58
N PRO A 133 1.55 -17.61 -20.28
CA PRO A 133 0.81 -16.42 -19.82
C PRO A 133 1.62 -15.13 -19.98
N GLU A 134 0.93 -13.99 -19.99
CA GLU A 134 1.60 -12.70 -20.14
C GLU A 134 2.40 -12.35 -18.90
N PHE A 135 1.89 -12.74 -17.74
CA PHE A 135 2.54 -12.43 -16.48
C PHE A 135 2.68 -13.65 -15.57
N ILE A 136 3.90 -13.90 -15.10
CA ILE A 136 4.18 -15.01 -14.19
C ILE A 136 4.97 -14.52 -12.99
N SER A 137 4.57 -14.98 -11.79
CA SER A 137 5.28 -14.63 -10.58
C SER A 137 5.50 -15.87 -9.71
N ALA A 138 6.77 -16.17 -9.42
CA ALA A 138 7.11 -17.32 -8.61
C ALA A 138 8.21 -17.02 -7.58
N GLY A 139 7.99 -17.45 -6.35
CA GLY A 139 9.00 -17.33 -5.31
C GLY A 139 9.90 -18.55 -5.17
N TYR A 140 11.15 -18.33 -4.76
CA TYR A 140 12.09 -19.42 -4.57
C TYR A 140 12.93 -19.21 -3.30
N VAL A 141 12.91 -20.19 -2.42
CA VAL A 141 13.80 -20.20 -1.26
C VAL A 141 14.77 -21.38 -1.35
N ASP A 142 16.06 -21.07 -1.49
CA ASP A 142 17.09 -22.07 -1.74
C ASP A 142 16.84 -22.83 -3.05
N SER A 143 16.39 -22.10 -4.06
CA SER A 143 16.05 -22.66 -5.37
C SER A 143 14.90 -23.66 -5.32
N HIS A 144 14.05 -23.52 -4.30
CA HIS A 144 12.85 -24.35 -4.15
C HIS A 144 11.59 -23.53 -4.43
N PRO A 145 10.75 -23.99 -5.36
CA PRO A 145 9.49 -23.31 -5.70
C PRO A 145 8.50 -23.28 -4.52
N ILE A 146 7.94 -22.11 -4.26
CA ILE A 146 7.01 -21.92 -3.15
C ILE A 146 5.70 -21.24 -3.56
N THR A 147 5.79 -20.01 -4.05
CA THR A 147 4.62 -19.26 -4.49
C THR A 147 4.52 -19.25 -6.00
N MET A 148 3.29 -19.34 -6.50
CA MET A 148 3.06 -19.28 -7.95
C MET A 148 1.85 -18.42 -8.31
N TYR A 149 2.06 -17.47 -9.20
CA TYR A 149 0.98 -16.63 -9.70
C TYR A 149 1.10 -16.44 -11.21
N ASN A 150 0.06 -16.80 -11.94
CA ASN A 150 0.02 -16.58 -13.38
C ASN A 150 -1.14 -15.67 -13.77
N SER A 151 -1.04 -15.05 -14.93
CA SER A 151 -2.00 -14.04 -15.33
C SER A 151 -3.23 -14.60 -16.01
N VAL A 152 -3.24 -15.91 -16.27
CA VAL A 152 -4.38 -16.56 -16.90
C VAL A 152 -5.49 -16.68 -15.87
N SER A 153 -5.30 -17.57 -14.91
CA SER A 153 -6.16 -17.64 -13.74
C SER A 153 -5.37 -17.00 -12.61
N GLN A 154 -5.84 -15.87 -12.12
CA GLN A 154 -5.01 -15.06 -11.23
C GLN A 154 -5.26 -15.41 -9.77
N LEU A 155 -4.32 -16.14 -9.19
CA LEU A 155 -4.41 -16.64 -7.84
C LEU A 155 -2.99 -16.89 -7.36
N LYS A 156 -2.82 -16.98 -6.05
CA LYS A 156 -1.53 -17.36 -5.49
C LYS A 156 -1.68 -18.71 -4.81
N GLU A 157 -1.02 -19.72 -5.36
CA GLU A 157 -1.10 -21.05 -4.79
C GLU A 157 0.26 -21.48 -4.28
N PRO A 158 0.27 -22.28 -3.20
CA PRO A 158 1.51 -22.85 -2.66
C PRO A 158 2.08 -23.90 -3.59
N ARG A 159 3.39 -23.85 -3.84
CA ARG A 159 4.08 -24.93 -4.55
C ARG A 159 4.71 -25.89 -3.56
N ALA A 160 4.64 -25.54 -2.27
CA ALA A 160 5.16 -26.39 -1.21
C ALA A 160 4.10 -26.72 -0.17
N LEU A 161 4.15 -27.94 0.36
CA LEU A 161 3.17 -28.40 1.35
C LEU A 161 3.22 -27.59 2.64
N TRP A 162 4.41 -27.18 3.05
CA TRP A 162 4.59 -26.43 4.29
C TRP A 162 4.09 -24.99 4.17
N MET A 163 3.93 -24.52 2.94
CA MET A 163 3.36 -23.21 2.72
C MET A 163 1.87 -23.23 2.96
N GLU A 164 1.19 -24.20 2.37
CA GLU A 164 -0.26 -24.32 2.49
C GLU A 164 -0.68 -24.62 3.93
N GLU A 165 0.16 -25.35 4.65
CA GLU A 165 -0.15 -25.76 6.01
C GLU A 165 -0.01 -24.62 7.02
N ASN A 166 1.11 -23.90 6.95
CA ASN A 166 1.40 -22.84 7.90
C ASN A 166 0.69 -21.52 7.62
N LEU A 167 0.55 -21.18 6.34
CA LEU A 167 0.00 -19.89 5.96
C LEU A 167 -1.51 -19.89 5.84
N ALA A 168 -2.15 -19.00 6.60
CA ALA A 168 -3.60 -18.87 6.59
C ALA A 168 -4.13 -18.63 5.18
N PRO A 169 -5.35 -19.10 4.90
CA PRO A 169 -5.91 -18.88 3.56
C PRO A 169 -6.13 -17.40 3.27
N ASP A 170 -6.32 -16.62 4.32
CA ASP A 170 -6.51 -15.18 4.19
C ASP A 170 -5.18 -14.49 3.89
N HIS A 171 -4.09 -15.23 3.98
CA HIS A 171 -2.80 -14.68 3.57
C HIS A 171 -2.77 -14.60 2.06
N TRP A 172 -2.88 -15.75 1.40
CA TRP A 172 -2.76 -15.83 -0.05
C TRP A 172 -3.71 -14.84 -0.71
N GLU A 173 -4.71 -14.41 0.06
CA GLU A 173 -5.77 -13.53 -0.41
C GLU A 173 -5.36 -12.08 -0.66
N ARG A 174 -4.38 -11.57 0.08
CA ARG A 174 -3.89 -10.21 -0.15
C ARG A 174 -2.99 -10.19 -1.36
N TYR A 175 -2.40 -11.34 -1.63
CA TYR A 175 -1.32 -11.41 -2.59
C TYR A 175 -1.73 -11.77 -3.99
N THR A 176 -2.98 -12.18 -4.14
CA THR A 176 -3.54 -12.30 -5.46
C THR A 176 -3.94 -10.89 -5.83
N GLN A 177 -4.19 -10.09 -4.81
CA GLN A 177 -4.63 -8.71 -4.91
C GLN A 177 -3.48 -7.77 -5.22
N LEU A 178 -2.36 -7.97 -4.54
CA LEU A 178 -1.17 -7.18 -4.79
C LEU A 178 -0.62 -7.57 -6.15
N LEU A 179 -0.63 -8.87 -6.43
CA LEU A 179 -0.07 -9.40 -7.67
C LEU A 179 -0.81 -8.93 -8.91
N ARG A 180 -2.12 -8.77 -8.79
CA ARG A 180 -2.92 -8.28 -9.90
C ARG A 180 -2.49 -6.86 -10.26
N GLY A 181 -2.10 -6.10 -9.23
CA GLY A 181 -1.59 -4.76 -9.44
C GLY A 181 -0.20 -4.78 -10.06
N TRP A 182 0.66 -5.62 -9.50
CA TRP A 182 2.03 -5.72 -9.99
C TRP A 182 2.06 -6.27 -11.41
N GLN A 183 1.01 -7.02 -11.77
CA GLN A 183 0.86 -7.53 -13.12
C GLN A 183 0.60 -6.39 -14.09
N GLN A 184 -0.41 -5.58 -13.78
CA GLN A 184 -0.77 -4.42 -14.60
C GLN A 184 0.39 -3.44 -14.69
N MET A 185 1.07 -3.25 -13.56
CA MET A 185 2.19 -2.31 -13.48
C MET A 185 3.34 -2.76 -14.37
N PHE A 186 3.45 -4.07 -14.53
CA PHE A 186 4.51 -4.68 -15.31
C PHE A 186 4.19 -4.55 -16.80
N LYS A 187 2.91 -4.64 -17.13
CA LYS A 187 2.45 -4.48 -18.49
C LYS A 187 2.71 -3.07 -18.98
N VAL A 188 2.46 -2.09 -18.11
CA VAL A 188 2.67 -0.68 -18.43
C VAL A 188 4.16 -0.39 -18.65
N GLU A 189 5.01 -1.01 -17.84
CA GLU A 189 6.45 -0.81 -17.96
C GLU A 189 7.01 -1.53 -19.19
N LEU A 190 6.33 -2.58 -19.63
CA LEU A 190 6.78 -3.32 -20.82
C LEU A 190 6.41 -2.54 -22.08
N LYS A 191 5.21 -1.97 -22.11
CA LYS A 191 4.79 -1.12 -23.21
C LYS A 191 5.73 0.08 -23.32
N GLN A 192 6.05 0.68 -22.17
CA GLN A 192 6.87 1.88 -22.15
C GLN A 192 8.28 1.58 -22.64
N LEU A 193 8.74 0.35 -22.43
CA LEU A 193 10.08 -0.04 -22.82
C LEU A 193 10.26 -0.25 -24.30
N GLN A 194 9.37 -1.01 -24.92
CA GLN A 194 9.46 -1.15 -26.35
C GLN A 194 9.42 0.25 -26.91
N HIS A 195 8.31 0.95 -26.69
CA HIS A 195 8.15 2.30 -27.22
C HIS A 195 9.44 3.08 -27.02
N HIS A 196 10.00 3.01 -25.82
CA HIS A 196 11.29 3.65 -25.56
C HIS A 196 12.39 3.08 -26.42
N TYR A 197 12.42 1.75 -26.53
CA TYR A 197 13.47 1.07 -27.29
C TYR A 197 13.36 1.27 -28.80
N ASN A 198 12.13 1.26 -29.34
CA ASN A 198 11.75 1.03 -30.77
C ASN A 198 11.11 -0.23 -31.35
N HIS A 199 10.90 -1.33 -30.64
CA HIS A 199 10.24 -2.41 -31.36
C HIS A 199 8.83 -2.71 -30.89
N SER A 200 8.17 -3.62 -31.60
CA SER A 200 6.89 -4.15 -31.17
C SER A 200 6.99 -5.64 -31.33
N GLY A 201 5.89 -6.34 -31.09
CA GLY A 201 5.88 -7.78 -31.17
C GLY A 201 6.27 -8.41 -29.86
N PHE A 202 6.84 -9.60 -29.93
CA PHE A 202 7.19 -10.37 -28.74
C PHE A 202 8.44 -9.86 -28.04
N HIS A 203 8.29 -9.52 -26.76
CA HIS A 203 9.42 -9.12 -25.91
C HIS A 203 9.17 -9.50 -24.45
N THR A 204 10.27 -9.74 -23.73
CA THR A 204 10.16 -10.22 -22.36
C THR A 204 10.69 -9.20 -21.35
N TYR A 205 10.06 -9.16 -20.18
CA TYR A 205 10.47 -8.28 -19.09
C TYR A 205 10.57 -9.10 -17.82
N GLN A 206 11.72 -9.05 -17.16
CA GLN A 206 11.97 -9.88 -15.99
C GLN A 206 12.52 -9.09 -14.81
N ARG A 207 11.94 -9.35 -13.64
CA ARG A 207 12.36 -8.68 -12.42
C ARG A 207 12.80 -9.71 -11.38
N MET A 208 13.88 -9.40 -10.69
CA MET A 208 14.39 -10.28 -9.64
C MET A 208 14.70 -9.50 -8.38
N ILE A 209 14.09 -9.90 -7.28
CA ILE A 209 14.35 -9.28 -6.00
C ILE A 209 14.51 -10.36 -4.94
N GLY A 210 15.33 -10.07 -3.94
CA GLY A 210 15.50 -11.00 -2.84
C GLY A 210 16.68 -10.69 -1.94
N CYS A 211 16.79 -11.47 -0.88
CA CYS A 211 17.89 -11.32 0.06
C CYS A 211 18.43 -12.71 0.37
N GLU A 212 19.67 -12.78 0.81
CA GLU A 212 20.26 -14.05 1.20
C GLU A 212 21.04 -13.94 2.50
N LEU A 213 20.98 -15.02 3.29
CA LEU A 213 21.63 -15.05 4.58
C LEU A 213 22.82 -16.02 4.56
N LEU A 214 24.01 -15.46 4.77
CA LEU A 214 25.23 -16.26 4.73
C LEU A 214 25.35 -17.10 6.00
N GLU A 215 26.11 -18.18 5.94
CA GLU A 215 26.25 -19.09 7.07
C GLU A 215 26.75 -18.38 8.33
N ASP A 216 27.56 -17.35 8.15
CA ASP A 216 28.15 -16.61 9.25
C ASP A 216 27.18 -15.62 9.89
N GLY A 217 26.04 -15.41 9.25
CA GLY A 217 25.01 -14.52 9.78
C GLY A 217 24.87 -13.21 9.02
N SER A 218 25.87 -12.89 8.20
CA SER A 218 25.83 -11.69 7.37
C SER A 218 24.70 -11.80 6.36
N ILE A 219 24.24 -10.66 5.87
CA ILE A 219 23.17 -10.65 4.89
C ILE A 219 23.46 -9.70 3.73
N THR A 220 22.79 -9.92 2.61
CA THR A 220 22.85 -9.04 1.45
C THR A 220 21.49 -9.00 0.76
N GLY A 221 21.32 -8.08 -0.18
CA GLY A 221 20.09 -8.04 -0.94
C GLY A 221 20.27 -7.52 -2.34
N PHE A 222 19.38 -7.93 -3.23
CA PHE A 222 19.56 -7.66 -4.65
C PHE A 222 18.22 -7.36 -5.31
N LEU A 223 18.27 -6.47 -6.27
CA LEU A 223 17.11 -6.12 -7.07
C LEU A 223 17.60 -5.86 -8.49
N GLN A 224 17.03 -6.54 -9.48
CA GLN A 224 17.47 -6.36 -10.86
C GLN A 224 16.33 -6.54 -11.86
N TYR A 225 16.42 -5.82 -12.97
CA TYR A 225 15.45 -5.94 -14.06
C TYR A 225 16.13 -6.41 -15.32
N ALA A 226 15.40 -7.14 -16.16
CA ALA A 226 15.96 -7.60 -17.42
C ALA A 226 15.00 -7.40 -18.59
N TYR A 227 15.56 -7.07 -19.75
CA TYR A 227 14.76 -6.92 -20.96
C TYR A 227 15.32 -7.82 -22.06
N ASP A 228 14.47 -8.71 -22.56
CA ASP A 228 14.86 -9.69 -23.57
C ASP A 228 16.00 -10.59 -23.08
N GLY A 229 16.05 -10.82 -21.78
CA GLY A 229 17.02 -11.75 -21.22
C GLY A 229 18.36 -11.13 -20.90
N GLN A 230 18.46 -9.82 -21.03
CA GLN A 230 19.70 -9.13 -20.67
C GLN A 230 19.50 -8.22 -19.47
N ASP A 231 20.54 -8.09 -18.66
CA ASP A 231 20.50 -7.22 -17.49
C ASP A 231 20.15 -5.80 -17.89
N PHE A 232 19.12 -5.25 -17.26
CA PHE A 232 18.64 -3.93 -17.62
C PHE A 232 19.05 -2.91 -16.55
N LEU A 233 18.45 -3.05 -15.37
CA LEU A 233 18.76 -2.16 -14.24
C LEU A 233 19.17 -2.96 -13.00
N ILE A 234 20.16 -2.43 -12.28
CA ILE A 234 20.66 -3.10 -11.08
C ILE A 234 20.72 -2.11 -9.91
N PHE A 235 20.05 -2.46 -8.82
CA PHE A 235 19.91 -1.56 -7.68
C PHE A 235 20.98 -1.78 -6.61
N ASN A 236 21.68 -0.70 -6.26
CA ASN A 236 22.67 -0.72 -5.19
C ASN A 236 22.09 -0.06 -3.94
N LYS A 237 22.03 -0.80 -2.85
CA LYS A 237 21.37 -0.30 -1.63
C LYS A 237 22.32 0.47 -0.71
N ASP A 238 23.62 0.35 -0.95
CA ASP A 238 24.59 1.09 -0.17
C ASP A 238 24.67 2.53 -0.68
N THR A 239 24.60 2.69 -1.99
CA THR A 239 24.65 4.02 -2.59
C THR A 239 23.27 4.60 -2.85
N LEU A 240 22.23 3.81 -2.59
CA LEU A 240 20.85 4.24 -2.82
C LEU A 240 20.64 4.79 -4.22
N SER A 241 21.24 4.12 -5.21
CA SER A 241 21.21 4.60 -6.58
C SER A 241 20.94 3.45 -7.54
N TRP A 242 20.63 3.78 -8.79
CA TRP A 242 20.37 2.77 -9.80
C TRP A 242 21.45 2.76 -10.87
N MET A 243 21.81 1.57 -11.31
CA MET A 243 22.84 1.40 -12.33
C MET A 243 22.22 1.08 -13.69
N ALA A 244 22.44 1.96 -14.65
CA ALA A 244 21.89 1.77 -15.99
C ALA A 244 22.95 1.19 -16.91
N MET A 245 22.60 0.11 -17.60
CA MET A 245 23.54 -0.56 -18.49
C MET A 245 23.37 -0.13 -19.94
N ASP A 246 22.41 0.74 -20.18
CA ASP A 246 22.13 1.21 -21.52
C ASP A 246 21.63 2.64 -21.50
N ASN A 247 21.89 3.37 -22.58
CA ASN A 247 21.44 4.74 -22.72
C ASN A 247 19.94 4.86 -22.47
N VAL A 248 19.18 3.85 -22.87
CA VAL A 248 17.73 3.85 -22.70
C VAL A 248 17.34 3.51 -21.26
N ALA A 249 18.06 2.57 -20.66
CA ALA A 249 17.84 2.23 -19.27
C ALA A 249 18.19 3.41 -18.37
N ASP A 250 18.89 4.39 -18.92
CA ASP A 250 19.29 5.57 -18.14
C ASP A 250 18.14 6.55 -17.94
N ILE A 251 17.21 6.57 -18.87
CA ILE A 251 16.04 7.42 -18.75
C ILE A 251 15.27 7.01 -17.50
N ILE A 252 14.98 5.72 -17.41
CA ILE A 252 14.27 5.13 -16.28
C ILE A 252 15.05 5.36 -14.99
N ARG A 253 16.37 5.34 -15.11
CA ARG A 253 17.25 5.62 -13.98
C ARG A 253 16.91 6.96 -13.37
N ARG A 254 16.98 8.02 -14.18
CA ARG A 254 16.71 9.37 -13.74
C ARG A 254 15.30 9.54 -13.19
N VAL A 255 14.39 8.67 -13.62
CA VAL A 255 13.01 8.72 -13.14
C VAL A 255 12.89 8.16 -11.72
N TRP A 256 13.56 7.05 -11.46
CA TRP A 256 13.47 6.41 -10.16
C TRP A 256 14.35 7.09 -9.11
N GLU A 257 15.49 7.63 -9.55
CA GLU A 257 16.41 8.26 -8.61
C GLU A 257 15.89 9.57 -8.00
N ALA A 258 14.98 10.24 -8.69
CA ALA A 258 14.39 11.48 -8.17
C ALA A 258 13.24 11.13 -7.23
N ASN A 259 13.01 9.84 -7.11
CA ASN A 259 11.96 9.27 -6.27
C ASN A 259 12.46 8.96 -4.86
N GLN A 260 13.57 9.59 -4.47
CA GLN A 260 14.52 9.09 -3.48
C GLN A 260 13.90 8.39 -2.28
N HIS A 261 12.65 8.72 -1.95
CA HIS A 261 11.93 7.99 -0.92
C HIS A 261 11.61 6.55 -1.26
N GLU A 262 11.36 6.26 -2.53
CA GLU A 262 11.12 4.88 -2.93
C GLU A 262 12.31 4.05 -2.56
N LEU A 263 13.46 4.45 -3.07
CA LEU A 263 14.71 3.77 -2.83
C LEU A 263 14.89 3.47 -1.34
N LEU A 264 14.71 4.51 -0.53
CA LEU A 264 14.77 4.40 0.92
C LEU A 264 13.86 3.28 1.40
N TYR A 265 12.72 3.13 0.75
CA TYR A 265 11.79 2.06 1.05
C TYR A 265 12.34 0.71 0.59
N GLN A 266 12.89 0.67 -0.62
CA GLN A 266 13.49 -0.56 -1.15
C GLN A 266 14.57 -1.09 -0.23
N LYS A 267 15.40 -0.18 0.28
CA LYS A 267 16.50 -0.56 1.16
C LYS A 267 15.98 -1.28 2.40
N ASN A 268 14.98 -0.71 3.06
CA ASN A 268 14.45 -1.30 4.28
C ASN A 268 13.89 -2.69 4.06
N TRP A 269 13.17 -2.87 2.95
CA TRP A 269 12.61 -4.18 2.63
C TRP A 269 13.73 -5.20 2.57
N LEU A 270 14.60 -5.04 1.58
CA LEU A 270 15.74 -5.93 1.39
C LEU A 270 16.53 -6.18 2.67
N GLU A 271 16.91 -5.10 3.35
CA GLU A 271 17.73 -5.18 4.55
C GLU A 271 17.01 -5.78 5.75
N GLU A 272 15.71 -5.52 5.88
CA GLU A 272 14.99 -5.92 7.08
C GLU A 272 13.81 -6.84 6.78
N GLU A 273 12.83 -6.32 6.06
CA GLU A 273 11.58 -7.04 5.79
C GLU A 273 11.81 -8.38 5.12
N CYS A 274 12.71 -8.41 4.14
CA CYS A 274 13.00 -9.63 3.39
C CYS A 274 13.55 -10.74 4.28
N ILE A 275 14.61 -10.41 5.02
CA ILE A 275 15.28 -11.35 5.90
C ILE A 275 14.31 -12.02 6.85
N ALA A 276 13.39 -11.22 7.40
CA ALA A 276 12.33 -11.72 8.26
C ALA A 276 11.51 -12.77 7.53
N TRP A 277 11.10 -12.44 6.32
CA TRP A 277 10.32 -13.35 5.49
C TRP A 277 11.09 -14.66 5.27
N LEU A 278 12.38 -14.53 4.97
CA LEU A 278 13.24 -15.69 4.74
C LEU A 278 13.29 -16.61 5.95
N LYS A 279 13.55 -16.03 7.11
CA LYS A 279 13.67 -16.80 8.36
C LYS A 279 12.35 -17.45 8.75
N ARG A 280 11.24 -16.87 8.30
CA ARG A 280 9.92 -17.40 8.62
C ARG A 280 9.65 -18.70 7.86
N PHE A 281 10.01 -18.71 6.59
CA PHE A 281 9.78 -19.87 5.73
C PHE A 281 10.67 -21.03 6.15
N LEU A 282 11.86 -20.72 6.63
CA LEU A 282 12.80 -21.74 7.07
C LEU A 282 12.22 -22.54 8.22
N GLU A 283 11.78 -21.83 9.25
CA GLU A 283 11.10 -22.46 10.39
C GLU A 283 9.95 -23.33 9.90
N TYR A 284 9.27 -22.87 8.86
CA TYR A 284 8.19 -23.64 8.26
C TYR A 284 8.74 -24.87 7.55
N GLY A 285 9.76 -24.67 6.73
CA GLY A 285 10.32 -25.74 5.91
C GLY A 285 11.56 -26.40 6.48
N LYS A 286 11.77 -26.24 7.79
CA LYS A 286 12.94 -26.82 8.47
C LYS A 286 13.02 -28.33 8.25
N ASP A 287 11.87 -28.95 8.06
CA ASP A 287 11.79 -30.38 7.80
C ASP A 287 12.51 -30.76 6.52
N ALA A 288 12.08 -30.19 5.41
CA ALA A 288 12.59 -30.57 4.10
C ALA A 288 13.98 -30.03 3.83
N LEU A 289 14.22 -28.77 4.22
CA LEU A 289 15.46 -28.10 3.88
C LEU A 289 16.66 -28.65 4.64
N GLN A 290 16.43 -29.12 5.85
CA GLN A 290 17.52 -29.58 6.70
C GLN A 290 17.78 -31.08 6.60
N ARG A 291 16.98 -31.78 5.81
CA ARG A 291 17.18 -33.21 5.64
C ARG A 291 18.39 -33.46 4.75
N THR A 292 19.00 -34.63 4.91
CA THR A 292 20.13 -35.03 4.06
C THR A 292 20.03 -36.50 3.65
N GLU A 293 20.07 -36.74 2.34
CA GLU A 293 20.18 -38.09 1.82
C GLU A 293 21.42 -38.16 0.96
N PRO A 294 22.17 -39.26 1.06
CA PRO A 294 23.44 -39.27 0.31
C PRO A 294 23.24 -39.85 -1.08
N PRO A 295 24.27 -39.74 -1.94
CA PRO A 295 24.16 -40.30 -3.29
C PRO A 295 24.45 -41.79 -3.31
N LYS A 296 23.85 -42.51 -4.25
CA LYS A 296 24.34 -43.83 -4.59
C LYS A 296 25.06 -43.71 -5.91
N VAL A 297 26.37 -43.87 -5.88
CA VAL A 297 27.19 -43.68 -7.08
C VAL A 297 27.23 -44.94 -7.95
N ARG A 298 27.16 -44.72 -9.26
CA ARG A 298 27.23 -45.78 -10.23
C ARG A 298 28.24 -45.38 -11.31
N VAL A 299 29.07 -46.33 -11.73
CA VAL A 299 30.08 -46.08 -12.75
C VAL A 299 29.80 -46.91 -14.00
N ASN A 300 30.13 -46.37 -15.17
CA ASN A 300 29.94 -47.08 -16.44
C ASN A 300 30.97 -46.67 -17.50
N HIS A 301 31.05 -47.47 -18.56
CA HIS A 301 31.94 -47.17 -19.68
C HIS A 301 31.30 -47.49 -21.03
N LYS A 302 31.63 -46.70 -22.05
CA LYS A 302 31.10 -46.91 -23.40
C LYS A 302 32.19 -46.79 -24.46
N THR A 309 37.65 -46.03 -23.60
CA THR A 309 37.28 -44.77 -24.23
C THR A 309 36.77 -43.74 -23.22
N THR A 310 35.48 -43.82 -22.87
CA THR A 310 34.87 -42.85 -21.95
C THR A 310 34.37 -43.51 -20.66
N LEU A 311 34.58 -42.84 -19.53
CA LEU A 311 34.13 -43.34 -18.23
C LEU A 311 33.13 -42.40 -17.58
N TYR A 312 31.99 -42.95 -17.16
CA TYR A 312 30.92 -42.14 -16.58
C TYR A 312 30.74 -42.39 -15.08
N CYS A 313 30.41 -41.33 -14.36
CA CYS A 313 30.14 -41.42 -12.93
C CYS A 313 28.86 -40.67 -12.58
N ARG A 314 27.83 -41.40 -12.14
CA ARG A 314 26.53 -40.81 -11.86
C ARG A 314 26.19 -40.91 -10.38
N ALA A 315 25.66 -39.83 -9.82
CA ALA A 315 25.29 -39.81 -8.41
C ALA A 315 23.79 -39.57 -8.28
N TYR A 316 23.06 -40.56 -7.80
CA TYR A 316 21.60 -40.50 -7.78
C TYR A 316 21.00 -40.14 -6.43
N GLY A 317 19.89 -39.40 -6.48
CA GLY A 317 19.04 -39.19 -5.32
C GLY A 317 19.68 -38.62 -4.07
N PHE A 318 20.30 -37.47 -4.19
CA PHE A 318 20.96 -36.86 -3.04
C PHE A 318 20.39 -35.49 -2.73
N TYR A 319 20.70 -34.99 -1.54
CA TYR A 319 20.17 -33.75 -1.02
C TYR A 319 20.86 -33.44 0.29
N PRO A 320 21.22 -32.17 0.53
CA PRO A 320 21.02 -30.99 -0.32
C PRO A 320 21.81 -31.00 -1.63
N PRO A 321 21.41 -30.15 -2.59
CA PRO A 321 22.02 -30.00 -3.91
C PRO A 321 23.54 -29.86 -3.93
N GLU A 322 24.13 -29.32 -2.87
CA GLU A 322 25.57 -29.06 -2.87
C GLU A 322 26.35 -30.38 -2.86
N ILE A 323 27.20 -30.56 -3.87
CA ILE A 323 27.96 -31.80 -4.03
C ILE A 323 29.19 -31.56 -4.90
N SER A 324 30.19 -32.43 -4.80
CA SER A 324 31.36 -32.31 -5.66
C SER A 324 31.81 -33.65 -6.22
N ILE A 325 31.86 -33.75 -7.54
CA ILE A 325 32.30 -34.97 -8.21
C ILE A 325 33.48 -34.70 -9.13
N ASN A 326 34.50 -35.54 -9.03
CA ASN A 326 35.61 -35.50 -9.97
C ASN A 326 36.29 -36.87 -10.14
N TRP A 327 36.73 -37.19 -11.34
CA TRP A 327 37.49 -38.41 -11.57
C TRP A 327 38.91 -38.26 -11.03
N MET A 328 39.51 -39.37 -10.62
CA MET A 328 40.86 -39.35 -10.09
C MET A 328 41.73 -40.41 -10.76
N LYS A 329 42.97 -40.05 -11.07
CA LYS A 329 43.91 -41.04 -11.57
C LYS A 329 45.20 -41.02 -10.75
N ASN A 330 45.41 -42.08 -9.98
CA ASN A 330 46.64 -42.35 -9.25
C ASN A 330 47.38 -41.20 -8.55
N GLY A 331 46.80 -40.59 -7.52
CA GLY A 331 45.39 -40.67 -7.20
C GLY A 331 44.77 -39.31 -7.47
N GLU A 332 45.51 -38.49 -8.23
CA GLU A 332 45.14 -37.10 -8.45
C GLU A 332 43.90 -36.89 -9.31
N GLU A 333 43.27 -35.74 -9.16
CA GLU A 333 42.09 -35.37 -9.94
C GLU A 333 42.45 -35.15 -11.42
N ILE A 334 41.51 -35.51 -12.30
CA ILE A 334 41.70 -35.38 -13.74
C ILE A 334 41.15 -34.07 -14.27
N PHE A 335 41.83 -33.48 -15.25
CA PHE A 335 41.41 -32.21 -15.83
C PHE A 335 41.08 -32.31 -17.32
N GLN A 336 42.09 -32.69 -18.12
CA GLN A 336 41.89 -32.83 -19.55
C GLN A 336 40.78 -33.83 -19.90
N ASP A 337 39.97 -33.49 -20.90
CA ASP A 337 38.91 -34.35 -21.39
C ASP A 337 37.91 -34.78 -20.33
N THR A 338 37.55 -33.83 -19.45
CA THR A 338 36.55 -34.09 -18.42
C THR A 338 35.27 -33.32 -18.72
N ASP A 339 34.14 -33.92 -18.37
CA ASP A 339 32.84 -33.35 -18.68
C ASP A 339 31.93 -33.39 -17.45
N TYR A 340 31.50 -32.23 -16.99
CA TYR A 340 30.60 -32.14 -15.85
C TYR A 340 29.18 -31.89 -16.32
N GLY A 341 28.21 -32.52 -15.68
CA GLY A 341 26.82 -32.38 -16.07
C GLY A 341 26.01 -31.43 -15.22
N GLY A 342 26.69 -30.68 -14.35
CA GLY A 342 26.02 -29.78 -13.43
C GLY A 342 25.08 -30.55 -12.53
N ILE A 343 24.15 -29.87 -11.88
CA ILE A 343 23.19 -30.57 -11.03
C ILE A 343 21.79 -30.65 -11.66
N LEU A 344 21.19 -31.83 -11.59
CA LEU A 344 19.89 -32.06 -12.22
C LEU A 344 18.89 -32.53 -11.17
N PRO A 345 17.64 -32.05 -11.27
CA PRO A 345 16.57 -32.46 -10.37
C PRO A 345 16.14 -33.89 -10.62
N SER A 346 15.98 -34.65 -9.55
CA SER A 346 15.54 -36.03 -9.66
C SER A 346 14.02 -36.13 -9.80
N GLY A 347 13.32 -35.19 -9.18
CA GLY A 347 11.87 -35.19 -9.19
C GLY A 347 11.29 -35.57 -7.83
N ASP A 348 12.12 -36.14 -6.97
CA ASP A 348 11.71 -36.46 -5.61
C ASP A 348 12.04 -35.28 -4.72
N GLY A 349 12.53 -34.21 -5.34
CA GLY A 349 13.09 -33.10 -4.59
C GLY A 349 14.57 -33.39 -4.39
N THR A 350 14.98 -34.58 -4.81
CA THR A 350 16.38 -34.98 -4.77
C THR A 350 17.05 -34.55 -6.05
N TYR A 351 18.35 -34.80 -6.16
CA TYR A 351 19.10 -34.34 -7.31
C TYR A 351 20.11 -35.37 -7.78
N GLN A 352 20.63 -35.18 -8.98
CA GLN A 352 21.65 -36.08 -9.51
C GLN A 352 22.60 -35.37 -10.48
N THR A 353 23.87 -35.76 -10.46
CA THR A 353 24.86 -35.17 -11.36
C THR A 353 25.77 -36.24 -11.93
N TRP A 354 26.73 -35.82 -12.75
CA TRP A 354 27.69 -36.75 -13.32
C TRP A 354 28.99 -36.08 -13.76
N VAL A 355 30.05 -36.89 -13.86
CA VAL A 355 31.32 -36.43 -14.40
C VAL A 355 31.95 -37.54 -15.24
N SER A 356 32.39 -37.20 -16.45
CA SER A 356 32.98 -38.19 -17.35
C SER A 356 34.39 -37.82 -17.77
N VAL A 357 35.18 -38.83 -18.12
CA VAL A 357 36.55 -38.62 -18.58
C VAL A 357 36.89 -39.56 -19.73
N GLU A 358 37.47 -39.01 -20.80
CA GLU A 358 37.96 -39.81 -21.91
C GLU A 358 39.35 -40.37 -21.58
N LEU A 359 39.54 -41.67 -21.85
CA LEU A 359 40.78 -42.36 -21.52
C LEU A 359 41.86 -42.15 -22.58
N GLY A 364 49.02 -49.54 -16.46
CA GLY A 364 48.52 -49.98 -15.17
C GLY A 364 48.10 -48.84 -14.27
N ASP A 365 47.07 -48.10 -14.70
CA ASP A 365 46.58 -46.95 -13.96
C ASP A 365 45.21 -47.21 -13.37
N ILE A 366 44.91 -46.60 -12.23
CA ILE A 366 43.60 -46.77 -11.59
C ILE A 366 42.76 -45.51 -11.66
N TYR A 367 41.54 -45.67 -12.17
CA TYR A 367 40.61 -44.55 -12.25
C TYR A 367 39.47 -44.71 -11.24
N SER A 368 39.36 -43.73 -10.34
CA SER A 368 38.35 -43.78 -9.30
C SER A 368 37.54 -42.48 -9.23
N CYS A 369 36.32 -42.57 -8.70
CA CYS A 369 35.40 -41.43 -8.69
C CYS A 369 35.20 -40.87 -7.29
N HIS A 370 35.58 -39.61 -7.09
CA HIS A 370 35.48 -38.97 -5.77
C HIS A 370 34.25 -38.09 -5.62
N VAL A 371 33.36 -38.50 -4.72
CA VAL A 371 32.16 -37.72 -4.43
C VAL A 371 32.19 -37.22 -3.00
N GLU A 372 31.72 -36.01 -2.78
CA GLU A 372 31.67 -35.46 -1.44
C GLU A 372 30.30 -34.81 -1.18
N HIS A 373 29.53 -35.38 -0.27
CA HIS A 373 28.19 -34.89 -0.02
C HIS A 373 28.09 -34.28 1.37
N GLY A 374 28.05 -35.14 2.38
CA GLY A 374 28.17 -34.67 3.75
C GLY A 374 29.60 -34.21 3.96
N GLY A 375 30.49 -34.70 3.10
CA GLY A 375 31.91 -34.41 3.18
C GLY A 375 32.66 -34.93 4.39
N VAL A 376 32.67 -36.24 4.68
CA VAL A 376 32.16 -37.38 3.88
C VAL A 376 32.66 -37.46 2.43
N HIS A 377 33.94 -37.80 2.29
CA HIS A 377 34.51 -38.07 0.99
C HIS A 377 34.21 -39.50 0.59
N MET A 378 33.71 -39.69 -0.62
CA MET A 378 33.45 -41.04 -1.12
C MET A 378 34.28 -41.29 -2.36
N VAL A 379 34.82 -42.49 -2.47
CA VAL A 379 35.59 -42.87 -3.64
C VAL A 379 35.15 -44.24 -4.15
N LEU A 380 35.06 -44.38 -5.47
CA LEU A 380 34.74 -45.65 -6.10
C LEU A 380 35.75 -45.92 -7.20
N GLN A 381 36.47 -47.03 -7.10
CA GLN A 381 37.42 -47.39 -8.16
C GLN A 381 36.67 -48.00 -9.32
N GLY A 382 36.70 -47.32 -10.45
CA GLY A 382 36.02 -47.82 -11.63
C GLY A 382 36.80 -48.87 -12.37
N PHE A 383 38.05 -48.57 -12.70
CA PHE A 383 38.77 -49.36 -13.70
C PHE A 383 40.29 -49.32 -13.50
N GLN A 384 40.96 -50.32 -14.06
CA GLN A 384 42.42 -50.35 -14.12
C GLN A 384 42.92 -51.14 -15.33
N GLN B 4 -1.07 -4.38 13.91
CA GLN B 4 -1.96 -4.79 14.99
C GLN B 4 -2.46 -3.61 15.81
N ASN B 5 -1.55 -2.72 16.20
CA ASN B 5 -1.92 -1.56 17.00
C ASN B 5 -1.05 -0.34 16.76
N ILE B 6 -1.66 0.84 16.76
CA ILE B 6 -0.92 2.08 16.64
C ILE B 6 -1.52 3.18 17.52
N ASP B 7 -0.67 3.86 18.27
CA ASP B 7 -1.13 4.79 19.28
C ASP B 7 -0.56 6.19 19.11
N GLN B 8 -1.30 7.17 19.62
CA GLN B 8 -0.92 8.58 19.56
C GLN B 8 -1.94 9.41 20.34
N PRO B 9 -1.49 10.50 20.98
CA PRO B 9 -2.33 11.37 21.82
C PRO B 9 -3.61 11.78 21.10
N THR B 10 -4.67 11.99 21.88
CA THR B 10 -5.96 12.37 21.32
C THR B 10 -6.05 13.87 21.03
N GLU B 11 -5.54 14.68 21.96
CA GLU B 11 -5.56 16.13 21.79
C GLU B 11 -4.36 16.77 22.46
N MET B 12 -3.77 17.77 21.82
CA MET B 12 -2.70 18.55 22.42
C MET B 12 -2.92 20.03 22.22
N THR B 13 -2.58 20.83 23.23
CA THR B 13 -2.78 22.27 23.18
C THR B 13 -1.44 22.99 23.23
N ALA B 14 -1.25 23.93 22.33
CA ALA B 14 -0.02 24.73 22.31
C ALA B 14 -0.31 26.14 21.80
N THR B 15 0.39 27.12 22.36
CA THR B 15 0.20 28.49 21.96
C THR B 15 0.90 28.77 20.63
N GLU B 16 0.37 29.75 19.88
CA GLU B 16 0.93 30.13 18.59
C GLU B 16 2.40 30.49 18.72
N GLY B 17 3.20 30.10 17.73
CA GLY B 17 4.61 30.46 17.71
C GLY B 17 5.53 29.47 18.41
N ALA B 18 4.96 28.60 19.25
CA ALA B 18 5.77 27.63 19.99
C ALA B 18 6.13 26.43 19.14
N ILE B 19 6.76 25.43 19.75
CA ILE B 19 7.17 24.21 19.06
C ILE B 19 6.55 22.99 19.73
N VAL B 20 5.85 22.17 18.97
CA VAL B 20 5.11 21.04 19.53
C VAL B 20 5.61 19.71 18.97
N GLN B 21 5.40 18.63 19.71
CA GLN B 21 5.78 17.30 19.28
C GLN B 21 4.67 16.27 19.47
N ILE B 22 4.29 15.58 18.39
CA ILE B 22 3.29 14.52 18.47
C ILE B 22 3.91 13.14 18.41
N ASN B 23 3.88 12.41 19.53
CA ASN B 23 4.44 11.06 19.57
C ASN B 23 3.52 10.00 18.96
N CYS B 24 4.10 9.08 18.19
CA CYS B 24 3.35 7.97 17.62
C CYS B 24 4.08 6.65 17.84
N THR B 25 3.45 5.74 18.59
CA THR B 25 4.03 4.45 18.87
C THR B 25 3.21 3.35 18.21
N TYR B 26 3.88 2.42 17.55
CA TYR B 26 3.18 1.39 16.81
C TYR B 26 3.79 0.01 17.03
N GLN B 27 2.94 -1.02 17.02
CA GLN B 27 3.41 -2.39 17.01
C GLN B 27 2.64 -3.15 15.93
N THR B 28 3.37 -3.61 14.92
CA THR B 28 2.77 -4.33 13.82
C THR B 28 3.56 -5.59 13.52
N SER B 29 3.08 -6.36 12.55
CA SER B 29 3.71 -7.62 12.17
C SER B 29 4.99 -7.37 11.37
N GLY B 30 4.95 -6.35 10.52
CA GLY B 30 6.09 -5.96 9.71
C GLY B 30 6.05 -4.47 9.50
N PHE B 31 7.14 -3.90 8.96
CA PHE B 31 7.20 -2.46 8.75
C PHE B 31 7.72 -2.06 7.37
N ASN B 32 6.85 -1.45 6.56
CA ASN B 32 7.30 -0.69 5.41
C ASN B 32 6.78 0.74 5.48
N GLY B 33 7.66 1.67 5.83
CA GLY B 33 7.29 3.08 5.86
C GLY B 33 6.36 3.48 7.00
N LEU B 34 6.37 4.77 7.31
CA LEU B 34 5.43 5.33 8.29
C LEU B 34 4.86 6.62 7.71
N PHE B 35 3.56 6.80 7.86
CA PHE B 35 2.88 7.93 7.25
C PHE B 35 2.34 8.95 8.24
N TRP B 36 2.49 10.21 7.87
CA TRP B 36 1.95 11.31 8.65
C TRP B 36 1.05 12.16 7.75
N TYR B 37 -0.21 12.25 8.11
CA TYR B 37 -1.17 13.04 7.35
C TYR B 37 -1.75 14.16 8.20
N GLN B 38 -1.97 15.31 7.59
CA GLN B 38 -2.65 16.40 8.26
C GLN B 38 -4.09 16.43 7.79
N GLN B 39 -5.02 16.53 8.74
CA GLN B 39 -6.41 16.67 8.37
C GLN B 39 -7.02 17.78 9.12
N HIS B 40 -7.34 18.83 8.37
CA HIS B 40 -7.87 20.02 8.99
C HIS B 40 -9.23 19.63 9.40
N ALA B 41 -9.74 20.44 10.30
CA ALA B 41 -11.04 20.19 10.81
C ALA B 41 -11.94 20.29 9.61
N GLY B 42 -12.96 19.44 9.55
CA GLY B 42 -13.86 19.42 8.42
C GLY B 42 -13.14 19.38 7.09
N GLU B 43 -12.17 18.48 6.96
CA GLU B 43 -11.54 18.29 5.65
C GLU B 43 -11.05 16.87 5.37
N ALA B 44 -10.29 16.78 4.29
CA ALA B 44 -9.80 15.55 3.69
C ALA B 44 -8.34 15.51 4.05
N PRO B 45 -7.84 14.40 4.60
CA PRO B 45 -6.43 14.50 4.99
C PRO B 45 -5.52 14.84 3.83
N THR B 46 -4.37 15.45 4.13
CA THR B 46 -3.34 15.63 3.14
C THR B 46 -2.06 15.00 3.63
N PHE B 47 -1.16 14.67 2.70
CA PHE B 47 0.12 14.05 3.03
C PHE B 47 1.12 15.06 3.61
N LEU B 48 1.81 14.65 4.68
CA LEU B 48 2.83 15.48 5.30
C LEU B 48 4.23 14.93 5.05
N SER B 49 4.53 13.80 5.67
CA SER B 49 5.85 13.21 5.54
C SER B 49 5.81 11.70 5.63
N TYR B 50 6.84 11.06 5.08
CA TYR B 50 6.95 9.61 5.06
C TYR B 50 8.36 9.15 5.42
N ASN B 51 8.45 8.23 6.38
CA ASN B 51 9.74 7.75 6.89
C ASN B 51 9.90 6.24 6.78
N VAL B 52 11.11 5.79 6.45
CA VAL B 52 11.43 4.37 6.35
C VAL B 52 12.66 3.99 7.14
N LEU B 53 13.80 4.53 6.74
CA LEU B 53 15.05 4.28 7.43
C LEU B 53 15.14 5.16 8.66
N ASP B 54 15.74 4.64 9.72
CA ASP B 54 15.89 5.37 10.97
C ASP B 54 16.57 6.71 10.71
N GLY B 55 16.02 7.77 11.31
CA GLY B 55 16.59 9.09 11.13
C GLY B 55 15.55 10.20 11.20
N LEU B 56 15.96 11.40 10.82
CA LEU B 56 15.10 12.57 10.88
C LEU B 56 14.77 13.07 9.48
N GLU B 57 13.52 13.47 9.28
CA GLU B 57 13.10 14.01 7.99
C GLU B 57 12.49 15.40 8.19
N GLU B 58 13.16 16.41 7.64
CA GLU B 58 12.71 17.80 7.78
C GLU B 58 12.17 18.37 6.45
N LYS B 59 10.90 18.77 6.47
CA LYS B 59 10.30 19.46 5.33
C LYS B 59 9.61 20.75 5.79
N GLY B 60 10.13 21.89 5.36
CA GLY B 60 9.58 23.18 5.78
C GLY B 60 9.76 23.39 7.27
N ARG B 61 8.74 23.93 7.94
CA ARG B 61 8.78 24.06 9.39
C ARG B 61 8.24 22.82 10.08
N PHE B 62 8.00 21.79 9.29
CA PHE B 62 7.60 20.51 9.85
C PHE B 62 8.76 19.53 9.79
N SER B 63 8.81 18.65 10.78
CA SER B 63 9.87 17.66 10.85
C SER B 63 9.32 16.35 11.43
N SER B 64 9.79 15.23 10.90
CA SER B 64 9.39 13.92 11.43
C SER B 64 10.58 13.00 11.67
N PHE B 65 10.45 12.16 12.69
CA PHE B 65 11.54 11.28 13.10
C PHE B 65 11.03 9.86 13.22
N LEU B 66 11.93 8.89 13.03
CA LEU B 66 11.56 7.48 13.03
C LEU B 66 12.55 6.57 13.74
N SER B 67 12.03 5.75 14.66
CA SER B 67 12.82 4.70 15.29
C SER B 67 12.18 3.35 15.00
N ARG B 68 12.86 2.53 14.20
CA ARG B 68 12.32 1.23 13.80
C ARG B 68 12.41 0.22 14.93
N SER B 69 13.50 0.29 15.70
CA SER B 69 13.71 -0.60 16.83
C SER B 69 12.67 -0.35 17.92
N LYS B 70 12.55 0.90 18.33
CA LYS B 70 11.63 1.29 19.40
C LYS B 70 10.19 1.40 18.90
N GLY B 71 10.02 1.38 17.58
CA GLY B 71 8.70 1.46 16.98
C GLY B 71 8.04 2.79 17.28
N TYR B 72 8.87 3.82 17.41
CA TYR B 72 8.43 5.14 17.84
C TYR B 72 8.75 6.19 16.80
N SER B 73 7.79 7.07 16.55
CA SER B 73 8.01 8.21 15.67
C SER B 73 7.30 9.42 16.23
N TYR B 74 7.91 10.59 16.07
CA TYR B 74 7.24 11.81 16.49
C TYR B 74 7.07 12.80 15.35
N LEU B 75 6.14 13.72 15.53
CA LEU B 75 5.93 14.80 14.59
C LEU B 75 6.31 16.09 15.29
N LEU B 76 7.28 16.82 14.74
CA LEU B 76 7.78 18.03 15.38
C LEU B 76 7.49 19.28 14.57
N LEU B 77 6.60 20.13 15.10
CA LEU B 77 6.22 21.35 14.39
C LEU B 77 6.82 22.61 15.01
N LYS B 78 7.73 23.25 14.28
CA LYS B 78 8.38 24.46 14.75
C LYS B 78 7.59 25.68 14.27
N GLU B 79 7.56 26.70 15.12
CA GLU B 79 6.93 27.97 14.77
C GLU B 79 5.47 27.77 14.38
N LEU B 80 4.66 27.37 15.36
CA LEU B 80 3.26 27.10 15.11
C LEU B 80 2.51 28.35 14.65
N GLN B 81 1.78 28.21 13.56
CA GLN B 81 0.87 29.25 13.12
C GLN B 81 -0.56 28.82 13.45
N MET B 82 -1.53 29.68 13.16
CA MET B 82 -2.92 29.36 13.46
C MET B 82 -3.46 28.26 12.54
N LYS B 83 -2.90 28.17 11.34
CA LYS B 83 -3.39 27.21 10.35
C LYS B 83 -2.99 25.77 10.67
N ASP B 84 -2.03 25.61 11.57
CA ASP B 84 -1.51 24.29 11.89
C ASP B 84 -2.43 23.47 12.77
N SER B 85 -3.50 24.08 13.26
CA SER B 85 -4.38 23.35 14.13
C SER B 85 -5.22 22.43 13.27
N ALA B 86 -5.05 21.13 13.50
CA ALA B 86 -5.76 20.10 12.76
C ALA B 86 -5.54 18.75 13.43
N SER B 87 -6.17 17.72 12.89
CA SER B 87 -5.94 16.37 13.38
C SER B 87 -4.86 15.72 12.56
N TYR B 88 -3.78 15.33 13.23
CA TYR B 88 -2.65 14.72 12.56
C TYR B 88 -2.72 13.20 12.64
N LEU B 89 -2.92 12.58 11.48
CA LEU B 89 -3.11 11.15 11.40
C LEU B 89 -1.79 10.42 11.24
N CYS B 90 -1.56 9.42 12.10
CA CYS B 90 -0.39 8.56 12.00
C CYS B 90 -0.79 7.18 11.48
N ALA B 91 -0.13 6.75 10.42
CA ALA B 91 -0.42 5.46 9.80
C ALA B 91 0.86 4.74 9.41
N VAL B 92 0.86 3.42 9.53
CA VAL B 92 2.04 2.61 9.19
C VAL B 92 1.64 1.35 8.43
N LYS B 93 2.35 1.07 7.33
CA LYS B 93 2.06 -0.11 6.51
C LYS B 93 2.45 -1.43 7.18
N ASP B 94 1.61 -2.44 6.98
CA ASP B 94 1.77 -3.73 7.62
C ASP B 94 2.89 -4.51 6.94
N SER B 95 3.02 -5.78 7.31
CA SER B 95 3.93 -6.69 6.64
C SER B 95 3.51 -6.79 5.19
N ASN B 96 2.22 -7.05 4.99
CA ASN B 96 1.55 -6.85 3.72
C ASN B 96 1.31 -5.36 3.55
N TYR B 97 0.99 -4.93 2.34
CA TYR B 97 0.99 -3.51 2.04
C TYR B 97 -0.25 -2.72 2.48
N GLN B 98 -1.20 -3.40 3.13
CA GLN B 98 -2.34 -2.70 3.68
C GLN B 98 -1.89 -1.65 4.71
N LEU B 99 -2.63 -0.54 4.79
CA LEU B 99 -2.27 0.56 5.66
C LEU B 99 -3.05 0.53 6.97
N ILE B 100 -2.36 0.70 8.09
CA ILE B 100 -2.99 0.69 9.40
C ILE B 100 -2.96 2.08 10.04
N TRP B 101 -4.15 2.70 10.16
CA TRP B 101 -4.28 4.08 10.63
C TRP B 101 -4.51 4.19 12.13
N GLY B 102 -3.76 5.08 12.77
CA GLY B 102 -4.06 5.44 14.14
C GLY B 102 -4.98 6.63 14.17
N ALA B 103 -5.81 6.73 15.20
CA ALA B 103 -6.70 7.88 15.34
C ALA B 103 -5.87 9.13 15.61
N GLY B 104 -6.11 10.16 14.81
CA GLY B 104 -5.25 11.33 14.79
C GLY B 104 -5.10 12.07 16.10
N THR B 105 -4.09 12.93 16.16
CA THR B 105 -3.90 13.82 17.29
C THR B 105 -4.42 15.20 16.91
N LYS B 106 -5.46 15.66 17.60
CA LYS B 106 -6.03 16.97 17.34
C LYS B 106 -5.18 18.03 18.02
N LEU B 107 -4.64 18.94 17.21
CA LEU B 107 -3.81 20.01 17.73
C LEU B 107 -4.63 21.30 17.79
N ILE B 108 -4.68 21.89 18.98
CA ILE B 108 -5.42 23.13 19.18
C ILE B 108 -4.44 24.26 19.45
N ILE B 109 -4.33 25.18 18.49
CA ILE B 109 -3.35 26.26 18.60
C ILE B 109 -3.91 27.47 19.33
N LYS B 110 -3.28 27.84 20.45
CA LYS B 110 -3.70 29.00 21.21
C LYS B 110 -3.09 30.26 20.62
N PRO B 111 -3.94 31.23 20.23
CA PRO B 111 -3.43 32.44 19.59
C PRO B 111 -2.67 33.30 20.57
N ASN B 112 -1.63 33.97 20.09
CA ASN B 112 -0.84 34.85 20.94
C ASN B 112 -1.52 36.21 21.13
N ILE B 113 -1.77 36.57 22.39
CA ILE B 113 -2.34 37.87 22.70
C ILE B 113 -1.29 38.73 23.37
N GLN B 114 -0.79 39.73 22.65
CA GLN B 114 0.24 40.62 23.18
C GLN B 114 -0.34 41.50 24.26
N ASN B 115 -1.47 42.13 23.96
CA ASN B 115 -2.13 43.01 24.90
C ASN B 115 -3.56 42.56 25.19
N PRO B 116 -3.72 41.61 26.12
CA PRO B 116 -5.03 41.10 26.51
C PRO B 116 -5.91 42.20 27.10
N ASP B 117 -7.21 42.15 26.80
CA ASP B 117 -8.16 43.09 27.38
C ASP B 117 -9.46 42.39 27.70
N PRO B 118 -9.43 41.46 28.68
CA PRO B 118 -10.61 40.66 29.00
C PRO B 118 -11.81 41.52 29.40
N ALA B 119 -12.98 41.19 28.85
CA ALA B 119 -14.22 41.89 29.18
C ALA B 119 -15.41 41.00 28.82
N VAL B 120 -16.57 41.30 29.40
CA VAL B 120 -17.80 40.61 29.03
C VAL B 120 -18.88 41.62 28.67
N TYR B 121 -19.29 41.61 27.40
CA TYR B 121 -20.26 42.58 26.91
C TYR B 121 -21.63 41.93 26.67
N GLN B 122 -22.69 42.70 26.91
CA GLN B 122 -24.06 42.25 26.64
C GLN B 122 -24.55 42.82 25.33
N LEU B 123 -24.69 41.98 24.31
CA LEU B 123 -25.11 42.45 23.00
C LEU B 123 -26.57 42.86 23.00
N ARG B 124 -26.91 43.82 22.16
CA ARG B 124 -28.29 44.30 22.05
C ARG B 124 -29.15 43.14 21.61
N ASP B 125 -30.43 43.17 21.97
CA ASP B 125 -31.32 42.12 21.52
C ASP B 125 -31.37 42.18 20.00
N SER B 126 -31.69 41.06 19.38
CA SER B 126 -31.77 41.02 17.93
C SER B 126 -33.23 41.01 17.55
N LYS B 127 -33.56 41.61 16.42
CA LYS B 127 -34.91 41.57 15.90
C LYS B 127 -35.30 40.13 15.59
N SER B 128 -34.30 39.34 15.22
CA SER B 128 -34.47 38.03 14.62
C SER B 128 -34.90 36.91 15.58
N SER B 129 -34.43 36.95 16.81
CA SER B 129 -34.76 35.89 17.77
C SER B 129 -35.03 36.39 19.18
N ASP B 130 -35.59 35.51 20.00
CA ASP B 130 -36.03 35.85 21.35
C ASP B 130 -34.94 35.69 22.41
N LYS B 131 -33.78 35.19 21.99
CA LYS B 131 -32.71 34.90 22.94
C LYS B 131 -31.75 36.07 23.10
N SER B 132 -31.22 36.24 24.30
CA SER B 132 -30.23 37.28 24.57
C SER B 132 -28.84 36.67 24.67
N VAL B 133 -27.83 37.39 24.20
CA VAL B 133 -26.47 36.87 24.16
C VAL B 133 -25.45 37.74 24.89
N CYS B 134 -24.44 37.10 25.45
CA CYS B 134 -23.30 37.76 26.07
C CYS B 134 -22.03 37.30 25.40
N LEU B 135 -21.06 38.19 25.28
CA LEU B 135 -19.83 37.88 24.58
C LEU B 135 -18.60 38.09 25.47
N PHE B 136 -17.89 37.00 25.75
CA PHE B 136 -16.62 37.08 26.46
C PHE B 136 -15.55 37.18 25.41
N THR B 137 -14.78 38.26 25.42
CA THR B 137 -13.81 38.48 24.37
C THR B 137 -12.51 39.08 24.87
N ASP B 138 -11.43 38.85 24.12
CA ASP B 138 -10.13 39.48 24.34
C ASP B 138 -9.31 38.88 25.46
N PHE B 139 -9.89 37.85 26.05
CA PHE B 139 -9.23 37.10 27.10
C PHE B 139 -8.15 36.24 26.45
N ASP B 140 -7.63 35.29 27.22
CA ASP B 140 -6.49 34.54 26.79
C ASP B 140 -6.53 33.10 27.30
N LYS B 149 -24.00 26.09 33.02
CA LYS B 149 -24.46 24.93 33.76
C LYS B 149 -25.82 25.17 34.38
N ASP B 150 -26.58 26.10 33.81
CA ASP B 150 -27.99 26.18 34.16
C ASP B 150 -28.65 25.10 33.32
N SER B 151 -29.94 24.87 33.56
CA SER B 151 -30.70 23.89 32.81
C SER B 151 -30.67 24.27 31.34
N ASP B 152 -31.16 25.48 31.02
CA ASP B 152 -30.96 25.96 29.67
C ASP B 152 -30.17 27.25 29.64
N VAL B 153 -28.84 27.13 29.58
CA VAL B 153 -27.95 28.25 29.27
C VAL B 153 -26.74 27.68 28.55
N TYR B 154 -26.46 28.17 27.34
CA TYR B 154 -25.42 27.56 26.53
C TYR B 154 -24.18 28.42 26.36
N ILE B 155 -23.03 27.75 26.32
CA ILE B 155 -21.75 28.43 26.15
C ILE B 155 -20.96 27.80 25.01
N THR B 156 -20.27 28.63 24.25
CA THR B 156 -19.57 28.20 23.06
C THR B 156 -18.11 28.68 23.09
N ASP B 157 -17.18 27.73 22.96
CA ASP B 157 -15.78 27.94 23.32
C ASP B 157 -14.87 28.33 22.16
N LYS B 158 -14.34 29.55 22.22
CA LYS B 158 -13.49 30.13 21.15
C LYS B 158 -13.76 29.58 19.74
N LYS B 169 -6.55 39.21 15.63
CA LYS B 169 -6.23 38.07 16.48
C LYS B 169 -6.82 38.27 17.88
N SER B 170 -8.06 37.81 18.06
CA SER B 170 -8.75 37.99 19.33
C SER B 170 -9.59 36.78 19.73
N ASN B 171 -9.37 36.29 20.94
CA ASN B 171 -10.15 35.18 21.47
C ASN B 171 -11.54 35.64 21.87
N SER B 172 -12.53 34.77 21.70
CA SER B 172 -13.91 35.13 22.01
C SER B 172 -14.70 33.91 22.43
N ALA B 173 -15.77 34.12 23.18
CA ALA B 173 -16.67 33.04 23.56
C ALA B 173 -18.09 33.57 23.69
N VAL B 174 -19.07 32.78 23.28
CA VAL B 174 -20.46 33.22 23.25
C VAL B 174 -21.29 32.51 24.32
N ALA B 175 -22.18 33.26 24.96
CA ALA B 175 -23.10 32.70 25.93
C ALA B 175 -24.46 33.28 25.69
N TRP B 176 -25.45 32.43 25.50
CA TRP B 176 -26.80 32.93 25.34
C TRP B 176 -27.65 32.12 26.24
N SER B 177 -28.87 32.60 26.44
CA SER B 177 -29.88 31.79 27.06
C SER B 177 -31.11 32.33 26.46
N ASN B 178 -32.08 31.44 26.30
CA ASN B 178 -33.36 31.79 25.78
C ASN B 178 -33.87 33.16 26.27
N ALA C 4 -6.33 18.80 -11.32
CA ALA C 4 -6.82 17.43 -11.24
C ALA C 4 -7.62 17.18 -9.96
N GLY C 5 -7.07 16.38 -9.06
CA GLY C 5 -7.71 16.12 -7.78
C GLY C 5 -8.63 14.92 -7.80
N VAL C 6 -9.25 14.64 -6.65
CA VAL C 6 -10.19 13.54 -6.54
C VAL C 6 -11.59 14.07 -6.23
N THR C 7 -12.51 13.83 -7.16
CA THR C 7 -13.87 14.32 -7.02
C THR C 7 -14.76 13.28 -6.37
N GLN C 8 -15.51 13.71 -5.36
CA GLN C 8 -16.30 12.80 -4.53
C GLN C 8 -17.70 13.35 -4.31
N THR C 9 -18.72 12.61 -4.71
CA THR C 9 -20.10 13.08 -4.55
C THR C 9 -21.05 11.98 -4.04
N PRO C 10 -22.08 12.37 -3.28
CA PRO C 10 -22.32 13.76 -2.83
C PRO C 10 -21.47 14.10 -1.61
N LYS C 11 -21.52 15.36 -1.20
CA LYS C 11 -20.78 15.80 -0.03
C LYS C 11 -21.61 15.69 1.25
N PHE C 12 -22.91 15.49 1.08
CA PHE C 12 -23.83 15.33 2.21
C PHE C 12 -24.98 14.40 1.83
N GLN C 13 -25.45 13.61 2.79
CA GLN C 13 -26.63 12.77 2.56
C GLN C 13 -27.46 12.44 3.79
N VAL C 14 -28.75 12.27 3.58
CA VAL C 14 -29.67 11.85 4.62
C VAL C 14 -30.55 10.71 4.11
N LEU C 15 -30.51 9.57 4.80
CA LEU C 15 -31.25 8.38 4.36
C LEU C 15 -32.06 7.75 5.48
N LYS C 16 -33.27 7.31 5.17
CA LYS C 16 -34.06 6.51 6.09
C LYS C 16 -33.59 5.07 6.00
N THR C 17 -33.55 4.39 7.14
CA THR C 17 -33.04 3.02 7.19
C THR C 17 -33.76 2.12 6.19
N GLY C 18 -32.98 1.41 5.36
CA GLY C 18 -33.55 0.58 4.31
C GLY C 18 -33.45 1.19 2.93
N GLN C 19 -32.90 2.40 2.85
CA GLN C 19 -32.69 3.07 1.56
C GLN C 19 -31.42 2.62 0.86
N SER C 20 -31.46 2.60 -0.47
CA SER C 20 -30.31 2.25 -1.30
C SER C 20 -29.77 3.49 -2.01
N MET C 21 -28.50 3.82 -1.76
CA MET C 21 -27.89 5.00 -2.37
C MET C 21 -26.40 4.78 -2.64
N THR C 22 -25.91 5.30 -3.76
CA THR C 22 -24.51 5.10 -4.14
C THR C 22 -23.70 6.40 -4.09
N LEU C 23 -22.43 6.29 -3.72
CA LEU C 23 -21.52 7.43 -3.63
C LEU C 23 -20.51 7.37 -4.78
N GLN C 24 -20.38 8.47 -5.53
CA GLN C 24 -19.50 8.46 -6.70
C GLN C 24 -18.16 9.13 -6.43
N CYS C 25 -17.10 8.51 -6.93
CA CYS C 25 -15.75 9.03 -6.75
C CYS C 25 -15.03 9.06 -8.09
N ALA C 26 -14.30 10.13 -8.35
CA ALA C 26 -13.63 10.30 -9.64
C ALA C 26 -12.19 10.73 -9.44
N GLN C 27 -11.30 10.19 -10.25
CA GLN C 27 -9.89 10.47 -10.09
C GLN C 27 -9.24 10.97 -11.38
N ASP C 28 -8.72 12.19 -11.33
CA ASP C 28 -8.19 12.88 -12.50
C ASP C 28 -6.68 12.69 -12.61
N MET C 29 -6.11 11.93 -11.69
CA MET C 29 -4.66 11.85 -11.56
C MET C 29 -3.99 10.69 -12.29
N ASN C 30 -4.77 9.90 -13.03
CA ASN C 30 -4.27 8.72 -13.72
C ASN C 30 -3.69 7.70 -12.73
N HIS C 31 -4.45 7.42 -11.67
CA HIS C 31 -4.04 6.47 -10.66
C HIS C 31 -4.68 5.10 -10.90
N ASN C 32 -3.91 4.05 -10.62
CA ASN C 32 -4.40 2.68 -10.68
C ASN C 32 -5.12 2.20 -9.41
N SER C 33 -4.67 2.65 -8.24
CA SER C 33 -5.22 2.17 -6.98
C SER C 33 -6.32 3.08 -6.43
N MET C 34 -7.46 2.49 -6.10
CA MET C 34 -8.58 3.28 -5.59
C MET C 34 -9.20 2.70 -4.31
N TYR C 35 -9.52 3.58 -3.36
CA TYR C 35 -9.90 3.18 -2.02
C TYR C 35 -11.18 3.87 -1.55
N TRP C 36 -11.84 3.27 -0.55
CA TRP C 36 -12.96 3.92 0.14
C TRP C 36 -12.74 3.82 1.64
N TYR C 37 -12.92 4.92 2.35
CA TYR C 37 -12.71 4.92 3.80
C TYR C 37 -13.96 5.34 4.57
N ARG C 38 -14.02 4.92 5.82
CA ARG C 38 -15.11 5.27 6.72
C ARG C 38 -14.50 5.83 8.00
N GLN C 39 -14.71 7.12 8.24
CA GLN C 39 -14.04 7.77 9.37
C GLN C 39 -15.00 8.13 10.49
N ASP C 40 -14.80 7.54 11.65
CA ASP C 40 -15.67 7.82 12.79
C ASP C 40 -14.89 8.45 13.93
N PRO C 41 -15.57 9.25 14.76
CA PRO C 41 -14.90 9.90 15.89
C PRO C 41 -14.34 8.90 16.89
N GLY C 42 -13.09 9.12 17.30
CA GLY C 42 -12.47 8.29 18.31
C GLY C 42 -11.71 7.12 17.74
N MET C 43 -11.80 6.93 16.43
CA MET C 43 -11.12 5.83 15.76
C MET C 43 -10.62 6.22 14.38
N GLY C 44 -9.46 5.68 14.00
CA GLY C 44 -8.83 6.01 12.73
C GLY C 44 -9.62 5.54 11.52
N LEU C 45 -9.09 5.86 10.34
CA LEU C 45 -9.72 5.48 9.09
C LEU C 45 -9.79 3.96 8.95
N ARG C 46 -10.96 3.46 8.55
CA ARG C 46 -11.13 2.03 8.34
C ARG C 46 -11.56 1.75 6.89
N LEU C 47 -10.78 0.92 6.20
CA LEU C 47 -10.97 0.71 4.78
C LEU C 47 -12.09 -0.30 4.52
N ILE C 48 -13.12 0.15 3.81
CA ILE C 48 -14.23 -0.72 3.51
C ILE C 48 -13.93 -1.68 2.36
N TYR C 49 -13.42 -1.16 1.25
CA TYR C 49 -13.20 -1.94 0.04
C TYR C 49 -12.11 -1.29 -0.78
N TYR C 50 -11.51 -2.03 -1.71
CA TYR C 50 -10.50 -1.40 -2.56
C TYR C 50 -10.33 -2.02 -3.94
N SER C 51 -9.99 -1.17 -4.90
CA SER C 51 -9.65 -1.65 -6.22
C SER C 51 -8.15 -1.48 -6.43
N ALA C 52 -7.43 -2.61 -6.40
CA ALA C 52 -5.99 -2.61 -6.50
C ALA C 52 -5.59 -2.04 -7.85
N SER C 53 -6.34 -2.45 -8.85
CA SER C 53 -6.24 -1.93 -10.19
C SER C 53 -7.58 -2.24 -10.81
N GLU C 54 -7.80 -1.77 -12.03
CA GLU C 54 -9.07 -1.95 -12.72
C GLU C 54 -9.45 -3.41 -12.69
N GLY C 55 -10.70 -3.71 -12.34
CA GLY C 55 -11.22 -5.06 -12.50
C GLY C 55 -11.06 -6.02 -11.34
N THR C 56 -10.10 -5.74 -10.46
CA THR C 56 -10.04 -6.47 -9.22
C THR C 56 -10.38 -5.52 -8.09
N THR C 57 -11.19 -6.01 -7.16
CA THR C 57 -11.52 -5.27 -5.95
C THR C 57 -11.64 -6.27 -4.81
N ASP C 58 -11.06 -5.96 -3.66
CA ASP C 58 -11.16 -6.88 -2.53
C ASP C 58 -11.76 -6.19 -1.32
N LYS C 59 -12.47 -6.98 -0.53
CA LYS C 59 -13.05 -6.52 0.72
C LYS C 59 -11.98 -5.99 1.65
N GLY C 60 -12.32 -4.98 2.44
CA GLY C 60 -11.37 -4.37 3.36
C GLY C 60 -11.54 -4.84 4.79
N GLU C 61 -11.20 -3.95 5.73
CA GLU C 61 -11.33 -4.25 7.15
C GLU C 61 -12.80 -4.48 7.52
N VAL C 62 -13.69 -3.62 7.02
CA VAL C 62 -15.11 -3.76 7.28
C VAL C 62 -15.95 -3.80 5.99
N PRO C 63 -15.97 -4.98 5.34
CA PRO C 63 -16.74 -5.18 4.11
C PRO C 63 -18.24 -5.21 4.34
N ASN C 64 -18.65 -5.44 5.58
CA ASN C 64 -20.06 -5.61 5.90
C ASN C 64 -20.89 -4.35 5.66
N GLY C 65 -22.01 -4.52 4.95
CA GLY C 65 -22.93 -3.44 4.69
C GLY C 65 -22.55 -2.61 3.47
N TYR C 66 -21.49 -3.00 2.78
CA TYR C 66 -21.02 -2.23 1.64
C TYR C 66 -20.68 -3.11 0.44
N ASN C 67 -20.89 -2.56 -0.76
CA ASN C 67 -20.53 -3.22 -2.00
C ASN C 67 -20.02 -2.20 -3.01
N VAL C 68 -18.96 -2.56 -3.73
CA VAL C 68 -18.25 -1.57 -4.54
C VAL C 68 -18.13 -2.00 -6.01
N SER C 69 -17.84 -1.04 -6.89
CA SER C 69 -17.65 -1.33 -8.31
C SER C 69 -16.66 -0.37 -8.98
N ARG C 70 -15.87 -0.90 -9.91
CA ARG C 70 -15.00 -0.09 -10.76
C ARG C 70 -15.62 0.04 -12.14
N LEU C 71 -16.11 1.24 -12.45
CA LEU C 71 -16.74 1.49 -13.73
C LEU C 71 -15.64 1.75 -14.74
N ASN C 72 -15.03 2.93 -14.62
CA ASN C 72 -13.86 3.28 -15.39
C ASN C 72 -12.62 2.77 -14.68
N LYS C 73 -11.47 3.18 -15.19
CA LYS C 73 -10.23 3.11 -14.44
C LYS C 73 -10.23 4.31 -13.50
N ARG C 74 -10.85 5.39 -13.96
CA ARG C 74 -10.90 6.64 -13.21
C ARG C 74 -12.00 6.68 -12.14
N GLU C 75 -13.06 5.90 -12.33
CA GLU C 75 -14.23 5.97 -11.43
C GLU C 75 -14.38 4.78 -10.49
N PHE C 76 -14.59 5.09 -9.21
CA PHE C 76 -14.84 4.09 -8.18
C PHE C 76 -16.08 4.50 -7.42
N SER C 77 -17.15 3.73 -7.53
CA SER C 77 -18.39 4.11 -6.86
C SER C 77 -18.70 3.18 -5.68
N LEU C 78 -19.01 3.77 -4.54
CA LEU C 78 -19.36 3.03 -3.34
C LEU C 78 -20.87 2.92 -3.31
N ARG C 79 -21.36 1.72 -3.01
CA ARG C 79 -22.78 1.50 -2.91
C ARG C 79 -23.15 0.84 -1.61
N LEU C 80 -24.33 1.18 -1.11
CA LEU C 80 -25.00 0.42 -0.06
C LEU C 80 -26.48 0.36 -0.41
N GLU C 81 -27.00 -0.85 -0.61
CA GLU C 81 -28.40 -1.00 -1.00
C GLU C 81 -29.37 -1.04 0.17
N SER C 82 -28.83 -1.16 1.39
CA SER C 82 -29.63 -1.04 2.58
C SER C 82 -28.94 -0.13 3.61
N ALA C 83 -29.59 0.99 3.91
CA ALA C 83 -29.06 1.94 4.88
C ALA C 83 -29.22 1.45 6.30
N ALA C 84 -28.22 1.70 7.13
CA ALA C 84 -28.27 1.32 8.53
C ALA C 84 -27.83 2.48 9.42
N PRO C 85 -28.40 2.57 10.63
CA PRO C 85 -28.03 3.63 11.57
C PRO C 85 -26.55 3.58 11.96
N SER C 86 -25.97 2.38 11.93
CA SER C 86 -24.56 2.20 12.27
C SER C 86 -23.69 2.55 11.07
N GLN C 87 -24.33 2.94 9.98
CA GLN C 87 -23.63 3.34 8.77
C GLN C 87 -23.44 4.86 8.67
N THR C 88 -23.83 5.57 9.72
CA THR C 88 -23.70 7.01 9.73
C THR C 88 -22.27 7.38 10.04
N SER C 89 -21.62 8.06 9.10
CA SER C 89 -20.20 8.38 9.20
C SER C 89 -19.80 9.35 8.11
N VAL C 90 -18.51 9.68 8.05
CA VAL C 90 -17.98 10.50 6.98
C VAL C 90 -17.10 9.66 6.06
N TYR C 91 -17.59 9.41 4.85
CA TYR C 91 -16.98 8.42 3.96
C TYR C 91 -16.04 9.07 3.00
N PHE C 92 -14.80 8.58 2.98
CA PHE C 92 -13.76 9.15 2.14
C PHE C 92 -13.34 8.21 1.03
N CYS C 93 -13.03 8.80 -0.13
CA CYS C 93 -12.48 8.06 -1.23
C CYS C 93 -11.07 8.59 -1.37
N ALA C 94 -10.15 7.71 -1.77
CA ALA C 94 -8.78 8.11 -2.02
C ALA C 94 -8.20 7.29 -3.16
N SER C 95 -7.14 7.80 -3.78
CA SER C 95 -6.49 7.13 -4.89
C SER C 95 -4.99 7.16 -4.70
N SER C 96 -4.34 6.03 -4.96
CA SER C 96 -2.88 5.93 -4.97
C SER C 96 -2.43 5.50 -6.36
N VAL C 97 -1.19 5.84 -6.73
CA VAL C 97 -0.70 5.56 -8.09
C VAL C 97 -0.57 4.08 -8.35
N TRP C 98 -0.03 3.36 -7.37
CA TRP C 98 -0.20 1.92 -7.27
C TRP C 98 -0.23 1.49 -5.83
N THR C 99 -0.94 0.40 -5.58
CA THR C 99 -0.81 -0.34 -4.35
C THR C 99 0.67 -0.59 -4.16
N GLY C 100 1.12 -0.53 -2.91
CA GLY C 100 2.52 -0.41 -2.60
C GLY C 100 3.51 -1.37 -3.26
N GLU C 101 4.63 -0.86 -3.80
CA GLU C 101 5.01 0.58 -3.91
C GLU C 101 4.92 1.45 -2.65
N GLY C 102 5.61 1.05 -1.58
CA GLY C 102 5.30 1.53 -0.24
C GLY C 102 5.43 2.99 0.16
N SER C 103 5.96 3.84 -0.71
CA SER C 103 6.07 5.26 -0.39
C SER C 103 4.84 6.03 -0.86
N GLY C 104 3.99 5.36 -1.63
CA GLY C 104 2.90 6.05 -2.28
C GLY C 104 1.93 6.61 -1.28
N GLU C 105 1.77 7.93 -1.31
CA GLU C 105 0.82 8.58 -0.44
C GLU C 105 -0.57 8.47 -1.03
N LEU C 106 -1.57 8.55 -0.17
CA LEU C 106 -2.95 8.55 -0.61
C LEU C 106 -3.39 9.98 -0.91
N PHE C 107 -4.26 10.12 -1.90
CA PHE C 107 -4.89 11.41 -2.15
C PHE C 107 -6.38 11.30 -1.88
N PHE C 108 -6.84 11.94 -0.80
CA PHE C 108 -8.23 11.87 -0.38
C PHE C 108 -9.17 12.82 -1.12
N GLY C 109 -10.44 12.43 -1.20
CA GLY C 109 -11.49 13.27 -1.74
C GLY C 109 -11.99 14.25 -0.70
N GLU C 110 -12.89 15.14 -1.11
CA GLU C 110 -13.42 16.17 -0.21
C GLU C 110 -14.09 15.59 1.04
N GLY C 111 -14.68 14.40 0.89
CA GLY C 111 -15.41 13.73 1.96
C GLY C 111 -16.90 13.70 1.69
N SER C 112 -17.58 12.71 2.25
CA SER C 112 -19.03 12.55 2.11
C SER C 112 -19.67 12.40 3.48
N ARG C 113 -20.55 13.34 3.84
CA ARG C 113 -21.18 13.31 5.16
C ARG C 113 -22.53 12.61 5.09
N LEU C 114 -22.61 11.45 5.74
CA LEU C 114 -23.79 10.60 5.65
C LEU C 114 -24.50 10.50 6.98
N THR C 115 -25.83 10.59 6.97
CA THR C 115 -26.61 10.40 8.18
C THR C 115 -27.82 9.51 7.92
N VAL C 116 -27.90 8.40 8.65
CA VAL C 116 -29.00 7.45 8.49
C VAL C 116 -29.92 7.50 9.70
N LEU C 117 -31.21 7.72 9.46
CA LEU C 117 -32.18 7.85 10.55
C LEU C 117 -33.33 6.88 10.35
N GLU C 118 -33.96 6.47 11.46
CA GLU C 118 -35.16 5.66 11.38
C GLU C 118 -36.28 6.51 10.78
N ASP C 119 -36.52 7.67 11.39
CA ASP C 119 -37.59 8.56 10.94
C ASP C 119 -37.03 9.92 10.54
N LEU C 120 -37.62 10.50 9.51
CA LEU C 120 -37.19 11.81 9.01
C LEU C 120 -37.97 12.92 9.70
N LYS C 121 -38.81 12.53 10.66
CA LYS C 121 -39.65 13.48 11.37
C LYS C 121 -38.81 14.52 12.09
N ASN C 122 -37.62 14.11 12.52
CA ASN C 122 -36.80 15.02 13.30
C ASN C 122 -35.91 15.93 12.52
N VAL C 123 -35.99 15.83 11.22
CA VAL C 123 -35.17 16.68 10.39
C VAL C 123 -35.74 18.10 10.38
N PHE C 124 -34.92 19.07 10.77
CA PHE C 124 -35.32 20.47 10.71
C PHE C 124 -34.16 21.31 10.19
N PRO C 125 -34.47 22.45 9.56
CA PRO C 125 -33.42 23.36 9.10
C PRO C 125 -32.99 24.28 10.24
N PRO C 126 -31.93 25.08 10.03
CA PRO C 126 -31.44 25.97 11.10
C PRO C 126 -32.26 27.26 11.25
N GLU C 127 -32.21 27.82 12.45
CA GLU C 127 -32.76 29.15 12.70
C GLU C 127 -31.60 30.10 12.94
N VAL C 128 -31.46 31.10 12.07
CA VAL C 128 -30.31 32.00 12.15
C VAL C 128 -30.68 33.42 12.61
N ALA C 129 -29.88 33.97 13.51
CA ALA C 129 -30.09 35.31 14.03
C ALA C 129 -28.76 36.03 14.26
N VAL C 130 -28.68 37.30 13.86
CA VAL C 130 -27.48 38.09 14.15
C VAL C 130 -27.76 39.05 15.30
N PHE C 131 -26.77 39.22 16.18
CA PHE C 131 -26.90 40.10 17.33
C PHE C 131 -25.91 41.25 17.23
N GLU C 132 -26.44 42.47 17.23
CA GLU C 132 -25.63 43.68 17.07
C GLU C 132 -24.56 43.81 18.15
N PRO C 133 -23.45 44.47 17.81
CA PRO C 133 -22.38 44.75 18.77
C PRO C 133 -22.86 45.54 19.97
N SER C 134 -22.24 45.33 21.12
CA SER C 134 -22.55 46.10 22.32
C SER C 134 -21.86 47.46 22.26
N GLU C 135 -22.59 48.52 22.58
CA GLU C 135 -22.04 49.87 22.53
C GLU C 135 -20.89 50.01 23.52
N ALA C 136 -20.89 49.15 24.54
CA ALA C 136 -19.82 49.10 25.52
C ALA C 136 -18.51 48.65 24.89
N GLU C 137 -18.59 47.69 23.96
CA GLU C 137 -17.41 47.18 23.28
C GLU C 137 -16.76 48.25 22.41
N ILE C 138 -17.60 48.97 21.66
CA ILE C 138 -17.15 49.99 20.73
C ILE C 138 -16.49 51.14 21.48
N SER C 139 -17.12 51.57 22.57
CA SER C 139 -16.66 52.72 23.33
C SER C 139 -15.43 52.42 24.18
N HIS C 140 -15.04 51.14 24.23
CA HIS C 140 -13.90 50.73 25.04
C HIS C 140 -12.76 50.20 24.17
N THR C 141 -13.04 49.11 23.47
CA THR C 141 -12.04 48.44 22.65
C THR C 141 -11.78 49.14 21.32
N GLN C 142 -12.69 50.04 20.96
CA GLN C 142 -12.68 50.70 19.65
C GLN C 142 -12.88 49.69 18.53
N LYS C 143 -13.55 48.59 18.85
CA LYS C 143 -13.84 47.54 17.87
C LYS C 143 -15.28 47.05 18.03
N ALA C 144 -15.83 46.49 16.96
CA ALA C 144 -17.19 45.98 16.96
C ALA C 144 -17.23 44.50 16.62
N THR C 145 -18.02 43.73 17.37
CA THR C 145 -18.12 42.28 17.14
C THR C 145 -19.57 41.83 16.93
N LEU C 146 -19.82 41.17 15.81
CA LEU C 146 -21.13 40.63 15.49
C LEU C 146 -21.23 39.17 15.87
N VAL C 147 -22.36 38.76 16.43
CA VAL C 147 -22.56 37.36 16.79
C VAL C 147 -23.71 36.73 16.02
N CYS C 148 -23.45 35.55 15.44
CA CYS C 148 -24.47 34.83 14.70
C CYS C 148 -24.80 33.52 15.38
N LEU C 149 -26.08 33.19 15.44
CA LEU C 149 -26.52 31.96 16.08
C LEU C 149 -27.38 31.13 15.15
N ALA C 150 -27.06 29.85 15.07
CA ALA C 150 -27.81 28.91 14.25
C ALA C 150 -28.25 27.76 15.14
N THR C 151 -29.55 27.61 15.33
CA THR C 151 -30.05 26.68 16.34
C THR C 151 -31.17 25.78 15.83
N GLY C 152 -31.27 24.59 16.39
CA GLY C 152 -32.41 23.71 16.16
C GLY C 152 -32.43 23.04 14.80
N PHE C 153 -31.26 22.63 14.32
CA PHE C 153 -31.16 21.96 13.04
C PHE C 153 -30.73 20.50 13.17
N TYR C 154 -31.45 19.62 12.49
CA TYR C 154 -31.17 18.21 12.54
C TYR C 154 -31.39 17.60 11.15
N PRO C 155 -30.55 16.64 10.75
CA PRO C 155 -29.30 16.29 11.43
C PRO C 155 -28.28 17.38 11.16
N ASP C 156 -27.03 17.18 11.55
CA ASP C 156 -26.09 18.26 11.41
C ASP C 156 -25.42 18.18 10.06
N HIS C 157 -25.85 19.06 9.15
CA HIS C 157 -25.10 19.38 7.95
C HIS C 157 -25.22 20.88 7.77
N VAL C 158 -24.13 21.62 7.93
CA VAL C 158 -24.21 23.07 7.80
C VAL C 158 -22.92 23.71 7.31
N GLU C 159 -23.05 24.82 6.60
CA GLU C 159 -21.91 25.64 6.20
C GLU C 159 -22.24 27.10 6.47
N LEU C 160 -21.49 27.71 7.38
CA LEU C 160 -21.76 29.08 7.81
C LEU C 160 -20.73 30.05 7.27
N SER C 161 -21.19 31.21 6.80
CA SER C 161 -20.29 32.20 6.25
C SER C 161 -20.81 33.62 6.45
N TRP C 162 -19.89 34.58 6.48
CA TRP C 162 -20.26 35.98 6.63
C TRP C 162 -20.17 36.74 5.33
N TRP C 163 -21.14 37.63 5.09
CA TRP C 163 -21.23 38.39 3.86
C TRP C 163 -21.44 39.86 4.16
N VAL C 164 -20.49 40.69 3.74
CA VAL C 164 -20.58 42.12 3.94
C VAL C 164 -20.86 42.82 2.61
N ASN C 165 -22.03 43.47 2.53
CA ASN C 165 -22.45 44.20 1.34
C ASN C 165 -22.60 43.32 0.09
N GLY C 166 -22.88 42.04 0.29
CA GLY C 166 -23.04 41.14 -0.83
C GLY C 166 -21.84 40.27 -1.11
N LYS C 167 -20.69 40.66 -0.56
CA LYS C 167 -19.45 39.93 -0.77
C LYS C 167 -19.01 39.19 0.49
N GLU C 168 -18.60 37.92 0.34
CA GLU C 168 -18.18 37.11 1.47
C GLU C 168 -16.83 37.57 2.04
N VAL C 169 -16.72 37.58 3.37
CA VAL C 169 -15.49 37.98 4.04
C VAL C 169 -14.96 36.83 4.90
N HIS C 170 -13.64 36.67 4.90
CA HIS C 170 -13.01 35.74 5.85
C HIS C 170 -12.28 36.32 7.05
N SER C 171 -12.10 37.64 7.09
CA SER C 171 -11.23 38.25 8.10
C SER C 171 -12.03 38.74 9.30
N GLY C 172 -11.68 38.22 10.47
CA GLY C 172 -12.33 38.64 11.70
C GLY C 172 -13.43 37.66 12.05
N VAL C 173 -13.43 36.55 11.35
CA VAL C 173 -14.44 35.53 11.51
C VAL C 173 -13.90 34.40 12.37
N CYS C 174 -14.49 34.20 13.55
CA CYS C 174 -14.29 32.91 14.20
C CYS C 174 -15.63 32.16 14.41
N THR C 175 -15.69 30.97 13.85
CA THR C 175 -16.86 30.16 13.85
C THR C 175 -16.58 28.93 14.71
N ASP C 176 -17.53 28.54 15.55
CA ASP C 176 -17.35 27.41 16.45
C ASP C 176 -17.06 26.14 15.67
N PRO C 177 -16.17 25.28 16.21
CA PRO C 177 -15.68 24.10 15.49
C PRO C 177 -16.78 23.09 15.24
N GLN C 178 -17.55 22.80 16.28
CA GLN C 178 -18.55 21.75 16.23
C GLN C 178 -19.82 22.21 16.92
N PRO C 179 -20.98 21.86 16.34
CA PRO C 179 -22.24 22.28 16.94
C PRO C 179 -22.54 21.56 18.26
N LEU C 180 -22.90 22.31 19.28
CA LEU C 180 -23.31 21.69 20.54
C LEU C 180 -24.73 21.18 20.36
N LYS C 181 -25.26 20.56 21.41
CA LYS C 181 -26.61 20.01 21.32
C LYS C 181 -27.48 20.70 22.35
N GLU C 182 -28.64 21.17 21.91
CA GLU C 182 -29.55 21.90 22.78
C GLU C 182 -30.07 21.02 23.90
N GLN C 183 -30.03 19.70 23.71
CA GLN C 183 -30.50 18.77 24.72
C GLN C 183 -29.61 17.53 24.78
N PRO C 184 -28.37 17.68 25.24
CA PRO C 184 -27.35 16.63 25.13
C PRO C 184 -27.84 15.35 25.78
N ALA C 185 -28.73 15.52 26.76
CA ALA C 185 -29.36 14.44 27.49
C ALA C 185 -30.15 13.52 26.56
N LEU C 186 -30.83 14.11 25.59
CA LEU C 186 -31.62 13.34 24.65
C LEU C 186 -30.75 12.58 23.67
N ASN C 187 -31.26 11.47 23.15
CA ASN C 187 -30.57 10.78 22.08
C ASN C 187 -30.64 11.67 20.85
N ASP C 188 -31.73 12.41 20.79
CA ASP C 188 -32.04 13.25 19.65
C ASP C 188 -31.83 14.78 19.67
N SER C 189 -31.17 15.32 20.67
CA SER C 189 -31.08 16.79 20.70
C SER C 189 -30.63 17.38 19.39
N ARG C 190 -31.26 18.50 19.05
CA ARG C 190 -30.86 19.25 17.89
C ARG C 190 -29.56 19.92 18.28
N TYR C 191 -28.97 20.62 17.32
CA TYR C 191 -27.68 21.25 17.54
C TYR C 191 -27.81 22.75 17.38
N ALA C 192 -26.85 23.47 17.94
CA ALA C 192 -26.74 24.91 17.72
C ALA C 192 -25.33 25.22 17.24
N LEU C 193 -25.13 26.41 16.67
CA LEU C 193 -23.78 26.82 16.27
C LEU C 193 -23.61 28.34 16.31
N SER C 194 -22.46 28.82 16.74
CA SER C 194 -22.26 30.27 16.82
C SER C 194 -21.10 30.76 15.96
N SER C 195 -21.13 32.04 15.61
CA SER C 195 -20.08 32.61 14.79
C SER C 195 -19.88 34.08 15.09
N ARG C 196 -18.65 34.53 14.95
CA ARG C 196 -18.29 35.90 15.29
C ARG C 196 -17.72 36.61 14.07
N LEU C 197 -18.02 37.89 13.95
CA LEU C 197 -17.44 38.71 12.90
C LEU C 197 -17.04 40.03 13.56
N ARG C 198 -15.76 40.40 13.44
CA ARG C 198 -15.29 41.59 14.12
C ARG C 198 -14.74 42.65 13.18
N VAL C 199 -15.38 43.81 13.15
CA VAL C 199 -14.91 44.90 12.32
C VAL C 199 -14.67 46.16 13.15
N SER C 200 -13.92 47.10 12.60
CA SER C 200 -13.59 48.35 13.27
C SER C 200 -14.85 49.08 13.69
N ALA C 201 -14.74 49.81 14.80
CA ALA C 201 -15.83 50.59 15.36
C ALA C 201 -16.47 51.46 14.29
N THR C 202 -15.64 52.24 13.62
CA THR C 202 -16.08 53.15 12.57
C THR C 202 -16.84 52.42 11.48
N PHE C 203 -16.37 51.24 11.10
CA PHE C 203 -16.99 50.47 10.04
C PHE C 203 -18.38 49.98 10.43
N TRP C 204 -18.58 49.71 11.71
CA TRP C 204 -19.89 49.28 12.17
C TRP C 204 -20.84 50.45 12.27
N GLN C 205 -20.32 51.58 12.73
CA GLN C 205 -21.13 52.76 12.98
C GLN C 205 -21.74 53.37 11.72
N ASN C 206 -21.35 52.83 10.56
CA ASN C 206 -21.90 53.26 9.28
C ASN C 206 -23.12 52.44 8.87
N PRO C 207 -24.30 53.10 8.77
CA PRO C 207 -25.58 52.47 8.45
C PRO C 207 -25.66 51.97 7.02
N ARG C 208 -24.76 52.43 6.16
CA ARG C 208 -24.77 52.04 4.76
C ARG C 208 -24.17 50.64 4.53
N ASN C 209 -23.52 50.10 5.55
CA ASN C 209 -22.90 48.78 5.47
C ASN C 209 -23.85 47.63 5.81
N HIS C 210 -23.84 46.59 4.98
CA HIS C 210 -24.72 45.45 5.18
C HIS C 210 -23.97 44.21 5.67
N PHE C 211 -24.37 43.70 6.83
CA PHE C 211 -23.78 42.48 7.38
C PHE C 211 -24.80 41.36 7.35
N ARG C 212 -24.43 40.24 6.75
CA ARG C 212 -25.37 39.12 6.62
C ARG C 212 -24.72 37.79 7.00
N CYS C 213 -25.31 37.09 7.95
CA CYS C 213 -24.82 35.77 8.36
C CYS C 213 -25.52 34.72 7.51
N GLN C 214 -24.74 33.90 6.83
CA GLN C 214 -25.29 32.91 5.92
C GLN C 214 -25.01 31.48 6.38
N VAL C 215 -26.07 30.69 6.47
CA VAL C 215 -25.93 29.29 6.85
C VAL C 215 -26.55 28.36 5.82
N GLN C 216 -25.72 27.58 5.15
CA GLN C 216 -26.20 26.60 4.19
C GLN C 216 -26.60 25.32 4.90
N PHE C 217 -27.81 24.84 4.63
CA PHE C 217 -28.27 23.60 5.21
C PHE C 217 -28.49 22.56 4.12
N TYR C 218 -28.15 21.30 4.42
CA TYR C 218 -28.41 20.20 3.51
C TYR C 218 -29.50 19.27 4.05
N GLY C 219 -30.68 19.35 3.46
CA GLY C 219 -31.80 18.51 3.83
C GLY C 219 -32.08 17.49 2.75
N LEU C 220 -33.32 17.02 2.69
CA LEU C 220 -33.76 16.07 1.68
C LEU C 220 -33.73 16.71 0.29
N SER C 221 -33.66 15.90 -0.77
CA SER C 221 -33.69 16.45 -2.11
C SER C 221 -35.14 16.62 -2.58
N GLU C 222 -35.31 17.16 -3.78
CA GLU C 222 -36.65 17.44 -4.30
C GLU C 222 -37.45 16.16 -4.56
N ASN C 223 -36.75 15.13 -5.03
CA ASN C 223 -37.40 13.87 -5.37
C ASN C 223 -37.58 12.93 -4.18
N ASP C 224 -37.14 13.38 -3.00
CA ASP C 224 -37.35 12.62 -1.77
C ASP C 224 -38.82 12.55 -1.42
N GLU C 225 -39.22 11.47 -0.74
CA GLU C 225 -40.61 11.26 -0.38
C GLU C 225 -40.94 11.88 0.98
N TRP C 226 -41.82 12.88 0.98
CA TRP C 226 -42.24 13.55 2.21
C TRP C 226 -43.75 13.42 2.41
N LYS C 232 -40.52 20.79 2.59
CA LYS C 232 -40.02 19.75 3.45
C LYS C 232 -39.10 20.44 4.45
N PRO C 233 -38.24 19.69 5.15
CA PRO C 233 -37.02 20.37 5.61
C PRO C 233 -35.91 20.22 4.57
N VAL C 234 -35.93 21.03 3.52
CA VAL C 234 -35.12 20.78 2.32
C VAL C 234 -33.76 21.53 2.31
N THR C 235 -33.00 21.43 1.22
CA THR C 235 -31.75 22.16 1.11
C THR C 235 -32.06 23.63 0.87
N GLN C 236 -31.57 24.46 1.77
CA GLN C 236 -31.93 25.86 1.78
C GLN C 236 -30.83 26.68 2.42
N ILE C 237 -30.86 27.99 2.19
CA ILE C 237 -29.94 28.87 2.88
C ILE C 237 -30.72 29.81 3.79
N VAL C 238 -30.61 29.59 5.10
CA VAL C 238 -31.23 30.46 6.06
C VAL C 238 -30.23 31.54 6.46
N SER C 239 -30.64 32.80 6.31
CA SER C 239 -29.74 33.93 6.51
C SER C 239 -30.20 34.86 7.61
N ALA C 240 -29.29 35.69 8.10
CA ALA C 240 -29.63 36.73 9.06
C ALA C 240 -28.86 37.99 8.70
N GLU C 241 -29.49 39.15 8.81
CA GLU C 241 -28.83 40.38 8.41
C GLU C 241 -28.91 41.47 9.45
N ALA C 242 -27.86 42.27 9.53
CA ALA C 242 -27.82 43.42 10.42
C ALA C 242 -27.19 44.61 9.71
N TRP C 243 -27.95 45.71 9.63
CA TRP C 243 -27.43 46.94 9.04
C TRP C 243 -26.67 47.73 10.10
N GLY C 244 -25.63 48.44 9.66
CA GLY C 244 -24.81 49.23 10.56
C GLY C 244 -25.63 50.23 11.36
N ARG C 245 -25.12 50.60 12.54
CA ARG C 245 -25.88 51.46 13.45
C ARG C 245 -25.04 52.63 13.92
N ALA C 246 -25.64 53.81 14.05
CA ALA C 246 -24.91 55.01 14.44
C ALA C 246 -25.26 55.46 15.86
OAD 1XL D . 6.70 -2.75 -5.58
CAJ 1XL D . 6.83 -4.16 -5.32
CAT 1XL D . 8.17 -4.33 -4.64
OAE 1XL D . 7.98 -3.68 -3.37
CAV 1XL D . 8.59 -5.77 -4.27
OAG 1XL D . 9.87 -5.58 -3.69
CAU 1XL D . 7.75 -6.44 -3.18
OAF 1XL D . 7.83 -5.73 -1.95
CAK 1XL D . 8.15 -7.92 -2.91
N8 1XL D . 7.67 -8.89 -3.93
C7 1XL D . 7.83 -8.90 -5.32
C8A 1XL D . 6.93 -9.84 -3.34
N1 1XL D . 6.79 -9.78 -1.95
C2 1XL D . 6.03 -10.74 -1.29
O2 1XL D . 5.93 -10.70 -0.06
N3 1XL D . 5.41 -11.76 -2.02
C4 1XL D . 5.56 -11.81 -3.42
O4 1XL D . 4.98 -12.68 -4.06
C4A 1XL D . 6.33 -10.85 -4.07
N5 1XL D . 6.47 -10.88 -5.39
C6 1XL D . 7.20 -9.94 -6.01
CAI 1XL D . 7.29 -10.07 -7.37
OAC 1XL D . 6.90 -11.41 -7.71
S SO4 E . 1.22 -11.95 8.32
O1 SO4 E . 1.43 -12.57 9.62
O2 SO4 E . 2.40 -12.16 7.47
O3 SO4 E . 0.05 -12.55 7.68
O4 SO4 E . 1.02 -10.51 8.50
S SO4 F . 4.33 27.12 6.17
O1 SO4 F . 3.72 27.47 7.45
O2 SO4 F . 5.61 26.45 6.37
O3 SO4 F . 3.44 26.24 5.43
O4 SO4 F . 4.55 28.36 5.45
S SO4 G . -26.38 40.37 0.06
O1 SO4 G . -25.46 40.40 1.19
O2 SO4 G . -25.78 39.61 -1.04
O3 SO4 G . -27.65 39.73 0.44
O4 SO4 G . -26.66 41.75 -0.36
S SO4 H . -11.40 39.04 3.46
O1 SO4 H . -11.10 38.37 4.73
O2 SO4 H . -11.75 38.02 2.48
O3 SO4 H . -12.50 39.97 3.64
O4 SO4 H . -10.21 39.76 3.01
#